data_7PS2
#
_entry.id   7PS2
#
_cell.length_a   213.397
_cell.length_b   213.397
_cell.length_c   226.792
_cell.angle_alpha   90.000
_cell.angle_beta   90.000
_cell.angle_gamma   120.000
#
_symmetry.space_group_name_H-M   'H 3 2'
#
loop_
_entity.id
_entity.type
_entity.pdbx_description
1 polymer 'Beta-29 Fab light chain'
2 polymer 'Spike protein S1'
3 polymer 'Beta-29 Fab heavy chain'
4 polymer 'Beta-53 heavy chain'
5 polymer 'Beta-53 Fab light chain'
6 branched beta-D-mannopyranose-(1-4)-2-acetamido-2-deoxy-beta-D-glucopyranose-(1-4)-[alpha-L-fucopyranose-(1-6)]2-acetamido-2-deoxy-beta-D-glucopyranose
7 non-polymer GLYCEROL
8 non-polymer 'SULFATE ION'
9 non-polymer DI(HYDROXYETHYL)ETHER
#
loop_
_entity_poly.entity_id
_entity_poly.type
_entity_poly.pdbx_seq_one_letter_code
_entity_poly.pdbx_strand_id
1 'polypeptide(L)'
;DIQLTQSPDSLAVSLGERATINCKSSQSVLYSSNNKNYLAWYQQKPGQPPKLLIYWASTRESGVPDRFSGSGSGTDFTLT
ISSLQAEDVAVYYCQQYFGSPSITFGQGTRLEIKRTVAAPSVFIFPPSDEQLKSGTASVVCLLNNFYPREAKVQWKVDNA
LQSGNSQESVTEQDSKDSTYSLSSTLTLSKADYEKHKVYACEVTHQGLSSPVTKSFNRGEC
;
B
2 'polypeptide(L)'
;MGCVAETGHHHHHHTNLCPFGEVFNATRFASVYAWNRKRISNCVADYSVLYNSASFSTFKCYGVSPTKLNDLCFTNVYAD
SFVIRGDEVRQIAPGQTGNIADYNYKLPDDFTGCVIAWNSNNLDSKVGGNYNYLYRLFRKSNLKPFERDISTEIYQAGST
PCNGVKGFNCYFPLQSYGFQPTYGVGYQPYRVVVLSFELLHAPATVCGKK
;
G
3 'polypeptide(L)'
;EVQLVESGGGVVQPGRSLRLSCAASGFTFSNYGMHRVRQAPGKGLEWVALISYEESNRYYGDSVRGRFTISRDNSKNTLY
LQMNSLRPEDTAVYYCAKDQGPATVMVTAIRGAMDVWGQGTTVTVSSASTKGPSVFPLAPSSKSTSGGTAALGCLVKDYF
PEPVTVSWNSGALTSGVHTFPAVLQSSGLYSLSSVVTVPSSSLGTQTYICNVNHKPSNTKVDKKVEPKSCDK
;
A
4 'polypeptide(L)'
;QVQLVQSGAEVKKPGESLRISCKGSGHNSPSYWISWVRQMPGKGLEWMGRIDPSDSYTNYSPSFQGHVTISADKSISTAY
LQWSSLQASDTAIYYCARHVVALTHLYPDYWGQGTLVTVSSASTKGPSVFPLAPSSKSTSGGTAALGCLVKDYFPEPVTV
SWNSGALTSGVHTFPAVLQSSGLYSLSSVVTVPSSSLGTQTYICNVNHKPSNTKVDKKVEPKSCDK
;
H
5 'polypeptide(L)'
;DIQMTQSPATLSVSPGERATLSCRASQSVSSTLAWYQQKPGQAPRLLIYGASTRATGIPARFSGSGSGTEFTLTISSLQS
EDFAVYYCQQYNNWSTWTFGQGTKVDIKRTVAAPSVFIFPPSDEQLKSGTASVVCLLNNFYPREAKVQWKVDNALQSGNS
QESVTEQDSKDSTYSLSSTLTLSKADYEKHKVYACEVTHQGLSSPVTKSFNRGEC
;
L
#
# COMPACT_ATOMS: atom_id res chain seq x y z
N ASP A 1 -32.73 27.62 -7.64
CA ASP A 1 -31.86 26.50 -8.01
C ASP A 1 -31.71 26.40 -9.53
N ILE A 2 -30.62 25.79 -9.98
CA ILE A 2 -30.36 25.57 -11.39
C ILE A 2 -31.02 24.24 -11.78
N GLN A 3 -32.02 24.32 -12.65
CA GLN A 3 -32.78 23.15 -13.06
C GLN A 3 -32.21 22.60 -14.36
N LEU A 4 -31.99 21.29 -14.40
CA LEU A 4 -31.46 20.61 -15.57
C LEU A 4 -32.57 19.81 -16.23
N THR A 5 -32.71 19.97 -17.54
CA THR A 5 -33.76 19.30 -18.31
C THR A 5 -33.14 18.64 -19.53
N GLN A 6 -33.17 17.31 -19.55
CA GLN A 6 -32.66 16.54 -20.67
C GLN A 6 -33.78 16.22 -21.65
N SER A 7 -33.40 16.02 -22.91
CA SER A 7 -34.34 15.69 -23.97
C SER A 7 -33.69 14.63 -24.85
N PRO A 8 -34.33 13.48 -25.06
CA PRO A 8 -35.64 13.11 -24.53
C PRO A 8 -35.54 12.30 -23.24
N ASP A 9 -36.69 11.90 -22.69
CA ASP A 9 -36.66 11.05 -21.51
C ASP A 9 -36.16 9.65 -21.85
N SER A 10 -36.35 9.21 -23.08
CA SER A 10 -35.85 7.91 -23.52
C SER A 10 -35.80 7.91 -25.04
N LEU A 11 -34.84 7.17 -25.59
CA LEU A 11 -34.72 7.02 -27.02
C LEU A 11 -34.08 5.68 -27.36
N ALA A 12 -34.34 5.22 -28.58
CA ALA A 12 -33.82 3.95 -29.06
C ALA A 12 -32.97 4.19 -30.30
N VAL A 13 -31.79 3.57 -30.34
CA VAL A 13 -30.87 3.67 -31.47
C VAL A 13 -30.31 2.28 -31.75
N SER A 14 -30.30 1.88 -33.02
CA SER A 14 -29.76 0.59 -33.39
C SER A 14 -28.23 0.60 -33.29
N LEU A 15 -27.64 -0.59 -33.14
CA LEU A 15 -26.20 -0.69 -32.94
C LEU A 15 -25.45 -0.06 -34.09
N GLY A 16 -24.26 0.46 -33.78
CA GLY A 16 -23.44 1.10 -34.79
C GLY A 16 -23.94 2.44 -35.28
N GLU A 17 -25.14 2.86 -34.88
CA GLU A 17 -25.69 4.15 -35.27
C GLU A 17 -25.43 5.20 -34.20
N ARG A 18 -25.73 6.45 -34.54
CA ARG A 18 -25.38 7.59 -33.71
C ARG A 18 -26.53 7.98 -32.79
N ALA A 19 -26.23 8.14 -31.51
CA ALA A 19 -27.19 8.58 -30.51
C ALA A 19 -26.83 9.96 -30.00
N THR A 20 -27.85 10.75 -29.66
CA THR A 20 -27.67 12.14 -29.28
C THR A 20 -28.64 12.49 -28.16
N ILE A 21 -28.10 13.04 -27.06
CA ILE A 21 -28.88 13.38 -25.87
C ILE A 21 -28.63 14.86 -25.56
N ASN A 22 -29.70 15.63 -25.46
CA ASN A 22 -29.63 17.05 -25.13
C ASN A 22 -29.89 17.26 -23.65
N CYS A 23 -29.40 18.39 -23.13
CA CYS A 23 -29.64 18.78 -21.75
C CYS A 23 -29.56 20.28 -21.65
N LYS A 24 -30.64 20.91 -21.19
CA LYS A 24 -30.73 22.36 -21.08
C LYS A 24 -30.77 22.77 -19.61
N SER A 25 -30.05 23.84 -19.28
CA SER A 25 -30.02 24.38 -17.92
C SER A 25 -30.84 25.66 -17.84
N SER A 26 -31.30 25.96 -16.63
CA SER A 26 -32.08 27.17 -16.38
C SER A 26 -31.22 28.40 -16.54
N GLN A 27 -30.32 28.64 -15.59
CA GLN A 27 -29.37 29.74 -15.68
C GLN A 27 -28.08 29.26 -16.34
N SER A 28 -27.40 30.19 -17.01
CA SER A 28 -26.18 29.84 -17.76
C SER A 28 -25.11 29.29 -16.82
N VAL A 29 -24.43 28.25 -17.29
CA VAL A 29 -23.36 27.60 -16.53
C VAL A 29 -22.05 27.84 -17.27
N LEU A 30 -21.53 29.07 -17.16
CA LEU A 30 -20.32 29.42 -17.90
C LEU A 30 -19.55 30.45 -17.08
N TYR A 31 -18.47 30.01 -16.45
CA TYR A 31 -17.51 30.94 -15.87
C TYR A 31 -16.78 31.65 -17.01
N SER A 32 -17.09 32.93 -17.22
CA SER A 32 -16.52 33.66 -18.34
C SER A 32 -15.02 33.80 -18.24
N SER A 33 -14.44 33.66 -17.05
CA SER A 33 -13.00 33.85 -16.86
C SER A 33 -12.20 32.81 -17.62
N ASN A 34 -12.44 31.53 -17.33
CA ASN A 34 -11.73 30.46 -18.01
C ASN A 34 -12.46 29.96 -19.26
N ASN A 35 -13.71 30.37 -19.47
CA ASN A 35 -14.51 29.97 -20.62
C ASN A 35 -14.71 28.45 -20.64
N LYS A 36 -15.20 27.91 -19.52
CA LYS A 36 -15.50 26.49 -19.39
C LYS A 36 -16.89 26.33 -18.83
N ASN A 37 -17.75 25.63 -19.57
CA ASN A 37 -19.06 25.28 -19.06
C ASN A 37 -18.92 24.17 -18.03
N TYR A 38 -19.52 24.36 -16.86
CA TYR A 38 -19.38 23.39 -15.77
C TYR A 38 -20.55 22.41 -15.80
N LEU A 39 -20.51 21.54 -16.82
CA LEU A 39 -21.51 20.50 -17.03
C LEU A 39 -20.82 19.16 -17.24
N ALA A 40 -21.38 18.12 -16.63
CA ALA A 40 -20.81 16.78 -16.70
C ALA A 40 -21.87 15.79 -17.15
N TRP A 41 -21.41 14.71 -17.79
CA TRP A 41 -22.27 13.63 -18.26
C TRP A 41 -21.88 12.32 -17.57
N TYR A 42 -22.88 11.50 -17.24
CA TYR A 42 -22.66 10.25 -16.53
C TYR A 42 -23.42 9.12 -17.21
N GLN A 43 -22.84 7.92 -17.15
CA GLN A 43 -23.48 6.70 -17.61
C GLN A 43 -23.79 5.83 -16.40
N GLN A 44 -25.02 5.35 -16.31
CA GLN A 44 -25.42 4.46 -15.22
C GLN A 44 -26.13 3.25 -15.81
N LYS A 45 -25.46 2.10 -15.78
CA LYS A 45 -26.04 0.82 -16.13
C LYS A 45 -26.76 0.23 -14.93
N PRO A 46 -27.68 -0.70 -15.15
CA PRO A 46 -28.47 -1.24 -14.03
C PRO A 46 -27.59 -1.87 -12.95
N GLY A 47 -27.92 -1.55 -11.70
CA GLY A 47 -27.22 -2.10 -10.55
C GLY A 47 -25.91 -1.43 -10.21
N GLN A 48 -25.34 -0.65 -11.12
CA GLN A 48 -24.04 -0.03 -10.90
C GLN A 48 -24.20 1.41 -10.48
N PRO A 49 -23.17 1.99 -9.86
CA PRO A 49 -23.15 3.44 -9.64
C PRO A 49 -22.91 4.17 -10.95
N PRO A 50 -23.13 5.48 -10.99
CA PRO A 50 -22.80 6.24 -12.20
C PRO A 50 -21.31 6.18 -12.53
N LYS A 51 -21.02 6.42 -13.80
CA LYS A 51 -19.65 6.44 -14.30
C LYS A 51 -19.44 7.75 -15.06
N LEU A 52 -18.47 8.54 -14.61
CA LEU A 52 -18.23 9.84 -15.22
C LEU A 52 -17.76 9.69 -16.65
N LEU A 53 -18.46 10.34 -17.57
CA LEU A 53 -18.10 10.33 -18.98
C LEU A 53 -17.46 11.64 -19.41
N ILE A 54 -18.21 12.74 -19.35
CA ILE A 54 -17.77 14.05 -19.81
C ILE A 54 -17.73 15.00 -18.63
N TYR A 55 -16.78 15.95 -18.67
CA TYR A 55 -16.78 17.09 -17.77
C TYR A 55 -16.30 18.31 -18.56
N TRP A 56 -16.50 19.49 -17.96
CA TRP A 56 -16.30 20.76 -18.66
C TRP A 56 -17.04 20.78 -19.99
N ALA A 57 -18.22 20.16 -20.00
CA ALA A 57 -19.12 20.10 -21.15
C ALA A 57 -18.56 19.31 -22.33
N SER A 58 -17.24 19.35 -22.52
CA SER A 58 -16.65 18.79 -23.73
C SER A 58 -15.36 18.03 -23.50
N THR A 59 -14.96 17.79 -22.27
CA THR A 59 -13.73 17.07 -21.97
C THR A 59 -14.05 15.65 -21.54
N ARG A 60 -13.36 14.69 -22.14
CA ARG A 60 -13.64 13.27 -21.92
C ARG A 60 -12.81 12.73 -20.75
N GLU A 61 -13.45 11.93 -19.91
CA GLU A 61 -12.76 11.33 -18.77
C GLU A 61 -11.83 10.23 -19.25
N SER A 62 -10.69 10.09 -18.55
CA SER A 62 -9.69 9.10 -18.90
C SER A 62 -10.28 7.69 -18.92
N GLY A 63 -10.14 7.01 -20.07
CA GLY A 63 -10.62 5.66 -20.24
C GLY A 63 -11.94 5.53 -20.97
N VAL A 64 -12.67 6.62 -21.15
CA VAL A 64 -13.96 6.56 -21.85
C VAL A 64 -13.70 6.42 -23.35
N PRO A 65 -14.38 5.50 -24.04
CA PRO A 65 -14.14 5.31 -25.47
C PRO A 65 -14.48 6.58 -26.26
N ASP A 66 -13.69 6.82 -27.31
CA ASP A 66 -13.75 8.06 -28.09
C ASP A 66 -15.06 8.23 -28.87
N ARG A 67 -15.95 7.25 -28.84
CA ARG A 67 -17.24 7.43 -29.48
C ARG A 67 -18.17 8.32 -28.66
N PHE A 68 -17.88 8.51 -27.37
CA PHE A 68 -18.61 9.44 -26.54
C PHE A 68 -18.03 10.85 -26.71
N SER A 69 -18.90 11.83 -26.88
CA SER A 69 -18.45 13.21 -27.09
C SER A 69 -19.52 14.18 -26.61
N GLY A 70 -19.10 15.21 -25.87
CA GLY A 70 -20.01 16.23 -25.40
C GLY A 70 -19.68 17.58 -26.02
N SER A 71 -20.72 18.38 -26.25
CA SER A 71 -20.56 19.68 -26.89
C SER A 71 -21.56 20.64 -26.26
N GLY A 72 -21.89 21.71 -26.98
CA GLY A 72 -22.80 22.72 -26.47
C GLY A 72 -22.11 23.68 -25.53
N SER A 73 -22.88 24.67 -25.07
CA SER A 73 -22.39 25.68 -24.12
C SER A 73 -23.56 26.50 -23.61
N GLY A 74 -23.28 27.28 -22.57
CA GLY A 74 -24.27 28.16 -21.98
C GLY A 74 -25.44 27.43 -21.35
N THR A 75 -26.54 27.28 -22.08
CA THR A 75 -27.72 26.62 -21.57
C THR A 75 -28.15 25.40 -22.38
N ASP A 76 -27.51 25.11 -23.51
CA ASP A 76 -27.87 23.96 -24.34
C ASP A 76 -26.64 23.08 -24.50
N PHE A 77 -26.78 21.81 -24.11
CA PHE A 77 -25.65 20.88 -24.08
C PHE A 77 -26.06 19.57 -24.73
N THR A 78 -25.06 18.81 -25.17
CA THR A 78 -25.32 17.64 -25.99
C THR A 78 -24.29 16.55 -25.71
N LEU A 79 -24.78 15.32 -25.50
CA LEU A 79 -23.94 14.15 -25.39
C LEU A 79 -24.20 13.26 -26.60
N THR A 80 -23.14 12.91 -27.33
CA THR A 80 -23.26 12.17 -28.57
C THR A 80 -22.45 10.89 -28.52
N ILE A 81 -23.09 9.78 -28.85
CA ILE A 81 -22.42 8.50 -29.07
C ILE A 81 -22.48 8.21 -30.56
N SER A 82 -21.33 7.90 -31.16
CA SER A 82 -21.25 7.78 -32.61
C SER A 82 -21.48 6.36 -33.12
N SER A 83 -20.76 5.39 -32.57
CA SER A 83 -20.88 4.00 -32.97
C SER A 83 -21.47 3.20 -31.80
N LEU A 84 -22.78 3.33 -31.62
CA LEU A 84 -23.47 2.78 -30.45
C LEU A 84 -23.23 1.29 -30.30
N GLN A 85 -22.54 0.91 -29.24
CA GLN A 85 -22.24 -0.49 -28.96
C GLN A 85 -23.24 -1.06 -27.97
N ALA A 86 -23.31 -2.39 -27.95
CA ALA A 86 -24.31 -3.08 -27.16
C ALA A 86 -24.22 -2.72 -25.68
N GLU A 87 -23.00 -2.51 -25.18
CA GLU A 87 -22.81 -2.23 -23.76
C GLU A 87 -23.25 -0.82 -23.37
N ASP A 88 -23.50 0.05 -24.34
CA ASP A 88 -23.86 1.43 -24.03
C ASP A 88 -25.31 1.60 -23.58
N VAL A 89 -26.09 0.52 -23.50
CA VAL A 89 -27.47 0.61 -23.02
C VAL A 89 -27.44 0.96 -21.53
N ALA A 90 -27.86 2.17 -21.20
CA ALA A 90 -27.82 2.67 -19.82
C ALA A 90 -28.59 3.98 -19.78
N VAL A 91 -28.63 4.58 -18.59
CA VAL A 91 -29.25 5.88 -18.37
C VAL A 91 -28.15 6.92 -18.26
N TYR A 92 -28.31 8.04 -18.94
CA TYR A 92 -27.31 9.10 -18.99
C TYR A 92 -27.85 10.34 -18.30
N TYR A 93 -27.05 10.90 -17.39
CA TYR A 93 -27.40 12.08 -16.63
C TYR A 93 -26.45 13.21 -16.99
N CYS A 94 -26.99 14.40 -17.24
CA CYS A 94 -26.19 15.60 -17.18
C CYS A 94 -26.24 16.15 -15.77
N GLN A 95 -25.17 16.83 -15.38
CA GLN A 95 -25.06 17.35 -14.02
C GLN A 95 -24.27 18.64 -14.05
N GLN A 96 -24.87 19.72 -13.55
CA GLN A 96 -24.18 20.99 -13.42
C GLN A 96 -23.51 21.09 -12.07
N TYR A 97 -22.34 21.71 -12.05
CA TYR A 97 -21.62 22.00 -10.81
C TYR A 97 -21.08 23.42 -10.86
N PHE A 98 -21.91 24.35 -11.35
CA PHE A 98 -21.54 25.76 -11.33
C PHE A 98 -21.34 26.28 -9.92
N GLY A 99 -21.66 25.49 -8.90
CA GLY A 99 -21.41 25.90 -7.54
C GLY A 99 -22.46 26.79 -6.93
N SER A 100 -23.55 27.06 -7.65
CA SER A 100 -24.52 27.99 -7.07
C SER A 100 -25.46 27.19 -6.16
N PRO A 101 -26.58 26.56 -6.64
CA PRO A 101 -27.38 25.85 -5.63
C PRO A 101 -26.87 24.42 -5.42
N SER A 102 -25.72 24.33 -4.76
CA SER A 102 -25.02 23.08 -4.57
C SER A 102 -24.81 22.38 -5.91
N ILE A 103 -25.47 21.24 -6.12
CA ILE A 103 -25.35 20.45 -7.33
C ILE A 103 -26.71 19.86 -7.66
N THR A 104 -27.09 19.93 -8.95
CA THR A 104 -28.34 19.36 -9.43
C THR A 104 -28.07 18.46 -10.64
N PHE A 105 -28.74 17.31 -10.68
CA PHE A 105 -28.65 16.40 -11.80
C PHE A 105 -29.78 16.65 -12.79
N GLY A 106 -29.71 15.95 -13.92
CA GLY A 106 -30.84 15.89 -14.82
C GLY A 106 -31.74 14.71 -14.51
N GLN A 107 -32.90 14.67 -15.16
CA GLN A 107 -33.83 13.58 -14.92
C GLN A 107 -33.34 12.25 -15.47
N GLY A 108 -32.31 12.26 -16.32
CA GLY A 108 -31.78 11.03 -16.87
C GLY A 108 -32.52 10.57 -18.11
N THR A 109 -31.77 10.20 -19.14
CA THR A 109 -32.32 9.71 -20.41
C THR A 109 -32.05 8.22 -20.52
N ARG A 110 -33.10 7.45 -20.85
CA ARG A 110 -32.98 6.00 -21.01
C ARG A 110 -32.63 5.70 -22.47
N LEU A 111 -31.52 5.01 -22.67
CA LEU A 111 -31.05 4.66 -24.01
C LEU A 111 -31.22 3.16 -24.22
N GLU A 112 -32.17 2.79 -25.06
CA GLU A 112 -32.41 1.40 -25.43
C GLU A 112 -31.97 1.16 -26.87
N ILE A 113 -31.95 -0.10 -27.25
CA ILE A 113 -31.62 -0.50 -28.62
C ILE A 113 -32.89 -0.57 -29.44
N LYS A 114 -32.86 -0.01 -30.64
CA LYS A 114 -34.01 -0.02 -31.54
C LYS A 114 -34.01 -1.27 -32.39
N ARG A 115 -35.20 -1.85 -32.58
CA ARG A 115 -35.35 -3.05 -33.39
C ARG A 115 -36.72 -3.01 -34.05
N THR A 116 -37.05 -4.09 -34.74
CA THR A 116 -38.37 -4.24 -35.35
C THR A 116 -39.42 -4.46 -34.27
N VAL A 117 -40.63 -3.95 -34.53
CA VAL A 117 -41.73 -4.09 -33.60
C VAL A 117 -41.99 -5.57 -33.34
N ALA A 118 -42.10 -5.93 -32.07
CA ALA A 118 -42.33 -7.32 -31.67
C ALA A 118 -43.57 -7.40 -30.80
N ALA A 119 -44.46 -8.34 -31.13
CA ALA A 119 -45.69 -8.48 -30.36
C ALA A 119 -45.47 -9.33 -29.12
N PRO A 120 -46.20 -9.05 -28.03
CA PRO A 120 -46.00 -9.82 -26.79
C PRO A 120 -46.79 -11.12 -26.77
N SER A 121 -46.18 -12.13 -26.16
CA SER A 121 -46.86 -13.39 -25.87
C SER A 121 -47.54 -13.26 -24.51
N VAL A 122 -48.86 -13.48 -24.48
CA VAL A 122 -49.67 -13.21 -23.31
C VAL A 122 -50.08 -14.52 -22.66
N PHE A 123 -49.90 -14.61 -21.35
CA PHE A 123 -50.35 -15.73 -20.54
C PHE A 123 -50.93 -15.19 -19.24
N ILE A 124 -51.98 -15.83 -18.75
CA ILE A 124 -52.61 -15.46 -17.49
C ILE A 124 -52.56 -16.65 -16.54
N PHE A 125 -52.36 -16.38 -15.26
CA PHE A 125 -52.16 -17.41 -14.25
C PHE A 125 -53.20 -17.25 -13.14
N PRO A 126 -54.08 -18.21 -12.93
CA PRO A 126 -55.03 -18.12 -11.81
C PRO A 126 -54.30 -18.29 -10.49
N PRO A 127 -54.89 -17.83 -9.38
CA PRO A 127 -54.25 -18.04 -8.08
C PRO A 127 -54.18 -19.52 -7.74
N SER A 128 -53.03 -19.95 -7.24
CA SER A 128 -52.84 -21.35 -6.89
C SER A 128 -53.76 -21.74 -5.74
N ASP A 129 -54.04 -23.04 -5.65
CA ASP A 129 -54.89 -23.55 -4.58
C ASP A 129 -54.23 -23.42 -3.21
N GLU A 130 -52.90 -23.24 -3.17
CA GLU A 130 -52.21 -23.09 -1.90
C GLU A 130 -52.33 -21.68 -1.34
N GLN A 131 -52.47 -20.67 -2.21
CA GLN A 131 -52.57 -19.29 -1.75
C GLN A 131 -53.98 -18.95 -1.29
N LEU A 132 -55.00 -19.50 -1.96
CA LEU A 132 -56.38 -19.22 -1.57
C LEU A 132 -56.69 -19.77 -0.18
N LYS A 133 -55.96 -20.80 0.25
CA LYS A 133 -56.06 -21.27 1.62
C LYS A 133 -55.55 -20.26 2.63
N SER A 134 -54.82 -19.24 2.18
CA SER A 134 -54.30 -18.20 3.07
C SER A 134 -55.22 -17.01 3.18
N GLY A 135 -56.06 -16.75 2.18
CA GLY A 135 -57.01 -15.65 2.21
C GLY A 135 -56.80 -14.59 1.14
N THR A 136 -55.75 -14.68 0.33
CA THR A 136 -55.47 -13.68 -0.69
C THR A 136 -55.37 -14.35 -2.06
N ALA A 137 -55.95 -13.71 -3.07
CA ALA A 137 -55.89 -14.19 -4.44
C ALA A 137 -55.03 -13.25 -5.27
N SER A 138 -54.03 -13.81 -5.95
CA SER A 138 -53.11 -13.04 -6.78
C SER A 138 -53.19 -13.56 -8.22
N VAL A 139 -53.74 -12.76 -9.11
CA VAL A 139 -53.87 -13.10 -10.53
C VAL A 139 -52.75 -12.41 -11.29
N VAL A 140 -52.02 -13.17 -12.09
CA VAL A 140 -50.80 -12.70 -12.74
C VAL A 140 -51.00 -12.72 -14.24
N CYS A 141 -50.60 -11.64 -14.91
CA CYS A 141 -50.69 -11.50 -16.36
C CYS A 141 -49.30 -11.22 -16.90
N LEU A 142 -48.90 -11.95 -17.94
CA LEU A 142 -47.53 -11.90 -18.45
C LEU A 142 -47.50 -11.36 -19.88
N LEU A 143 -46.53 -10.51 -20.16
CA LEU A 143 -46.25 -9.96 -21.49
C LEU A 143 -44.79 -10.29 -21.79
N ASN A 144 -44.54 -11.42 -22.43
CA ASN A 144 -43.20 -11.97 -22.57
C ASN A 144 -42.56 -11.49 -23.87
N ASN A 145 -41.39 -10.86 -23.76
CA ASN A 145 -40.55 -10.51 -24.89
C ASN A 145 -41.29 -9.68 -25.95
N PHE A 146 -41.41 -8.38 -25.71
CA PHE A 146 -42.07 -7.47 -26.64
C PHE A 146 -41.22 -6.23 -26.86
N TYR A 147 -41.49 -5.54 -27.96
CA TYR A 147 -40.84 -4.27 -28.27
C TYR A 147 -41.78 -3.44 -29.12
N PRO A 148 -41.87 -2.12 -28.86
CA PRO A 148 -41.14 -1.37 -27.83
C PRO A 148 -41.70 -1.55 -26.42
N ARG A 149 -41.23 -0.71 -25.49
CA ARG A 149 -41.57 -0.89 -24.08
C ARG A 149 -43.03 -0.51 -23.83
N GLU A 150 -43.54 0.50 -24.53
CA GLU A 150 -44.87 1.02 -24.25
C GLU A 150 -45.94 -0.05 -24.47
N ALA A 151 -46.68 -0.36 -23.42
CA ALA A 151 -47.76 -1.34 -23.48
C ALA A 151 -48.80 -0.99 -22.43
N LYS A 152 -50.05 -1.35 -22.71
CA LYS A 152 -51.18 -1.04 -21.84
C LYS A 152 -51.90 -2.33 -21.48
N VAL A 153 -51.97 -2.63 -20.19
CA VAL A 153 -52.64 -3.83 -19.68
C VAL A 153 -53.89 -3.39 -18.94
N GLN A 154 -55.00 -4.07 -19.21
CA GLN A 154 -56.30 -3.72 -18.64
C GLN A 154 -56.97 -4.98 -18.10
N TRP A 155 -57.10 -5.06 -16.78
CA TRP A 155 -57.79 -6.18 -16.15
C TRP A 155 -59.30 -6.04 -16.28
N LYS A 156 -59.98 -7.16 -16.45
CA LYS A 156 -61.44 -7.19 -16.54
C LYS A 156 -61.96 -8.32 -15.68
N VAL A 157 -62.85 -8.01 -14.75
CA VAL A 157 -63.46 -8.98 -13.85
C VAL A 157 -64.97 -8.89 -14.05
N ASP A 158 -65.55 -9.92 -14.68
CA ASP A 158 -66.94 -9.89 -15.12
C ASP A 158 -67.20 -8.70 -16.04
N ASN A 159 -66.25 -8.45 -16.95
CA ASN A 159 -66.29 -7.33 -17.90
C ASN A 159 -66.30 -5.98 -17.20
N ALA A 160 -65.84 -5.92 -15.94
CA ALA A 160 -65.68 -4.66 -15.23
C ALA A 160 -64.20 -4.32 -15.18
N LEU A 161 -63.83 -3.20 -15.82
CA LEU A 161 -62.43 -2.83 -15.93
C LEU A 161 -61.86 -2.48 -14.55
N GLN A 162 -60.75 -3.12 -14.18
CA GLN A 162 -60.18 -3.00 -12.85
C GLN A 162 -59.01 -2.03 -12.85
N SER A 163 -58.90 -1.25 -11.78
CA SER A 163 -57.78 -0.34 -11.59
C SER A 163 -57.65 -0.04 -10.10
N GLY A 164 -56.41 0.19 -9.67
CA GLY A 164 -56.14 0.45 -8.27
C GLY A 164 -55.78 -0.77 -7.45
N ASN A 165 -55.94 -1.97 -8.00
CA ASN A 165 -55.60 -3.22 -7.33
C ASN A 165 -54.64 -4.05 -8.18
N SER A 166 -53.73 -3.38 -8.88
CA SER A 166 -52.80 -4.04 -9.77
C SER A 166 -51.47 -3.31 -9.76
N GLN A 167 -50.37 -4.07 -9.75
CA GLN A 167 -49.03 -3.52 -9.79
C GLN A 167 -48.25 -4.22 -10.90
N GLU A 168 -47.43 -3.45 -11.62
CA GLU A 168 -46.66 -3.95 -12.74
C GLU A 168 -45.17 -3.87 -12.44
N SER A 169 -44.41 -4.73 -13.13
CA SER A 169 -42.96 -4.76 -13.00
C SER A 169 -42.39 -5.13 -14.37
N VAL A 170 -41.43 -4.34 -14.85
CA VAL A 170 -40.86 -4.50 -16.18
CA VAL A 170 -40.86 -4.50 -16.18
C VAL A 170 -39.39 -4.90 -16.05
N THR A 171 -38.97 -5.84 -16.88
CA THR A 171 -37.56 -6.23 -16.94
C THR A 171 -36.79 -5.25 -17.81
N GLU A 172 -35.48 -5.16 -17.54
CA GLU A 172 -34.62 -4.40 -18.42
C GLU A 172 -34.48 -5.11 -19.76
N GLN A 173 -34.05 -4.36 -20.77
CA GLN A 173 -33.97 -4.88 -22.13
C GLN A 173 -33.02 -6.08 -22.20
N ASP A 174 -33.49 -7.17 -22.80
CA ASP A 174 -32.72 -8.41 -22.84
C ASP A 174 -31.39 -8.20 -23.55
N SER A 175 -30.41 -9.03 -23.20
CA SER A 175 -29.05 -8.84 -23.67
C SER A 175 -28.76 -9.52 -25.01
N LYS A 176 -29.68 -10.31 -25.54
CA LYS A 176 -29.44 -11.07 -26.76
C LYS A 176 -30.46 -10.81 -27.86
N ASP A 177 -31.73 -10.59 -27.51
CA ASP A 177 -32.72 -10.17 -28.49
C ASP A 177 -33.37 -8.84 -28.13
N SER A 178 -32.85 -8.15 -27.11
CA SER A 178 -33.23 -6.78 -26.76
C SER A 178 -34.75 -6.58 -26.76
N THR A 179 -35.42 -7.38 -25.94
CA THR A 179 -36.86 -7.27 -25.76
C THR A 179 -37.18 -7.03 -24.29
N TYR A 180 -38.46 -6.78 -24.02
CA TYR A 180 -38.94 -6.47 -22.68
C TYR A 180 -39.97 -7.50 -22.23
N SER A 181 -40.05 -7.69 -20.91
CA SER A 181 -41.06 -8.55 -20.31
C SER A 181 -41.72 -7.81 -19.16
N LEU A 182 -43.04 -7.98 -19.02
CA LEU A 182 -43.83 -7.22 -18.06
C LEU A 182 -44.71 -8.17 -17.25
N SER A 183 -44.91 -7.85 -15.98
CA SER A 183 -45.70 -8.66 -15.06
C SER A 183 -46.65 -7.76 -14.28
N SER A 184 -47.95 -8.01 -14.41
CA SER A 184 -48.97 -7.27 -13.71
C SER A 184 -49.68 -8.19 -12.73
N THR A 185 -49.75 -7.79 -11.46
CA THR A 185 -50.29 -8.63 -10.39
C THR A 185 -51.58 -8.02 -9.87
N LEU A 186 -52.71 -8.65 -10.18
CA LEU A 186 -54.01 -8.25 -9.66
C LEU A 186 -54.26 -8.95 -8.34
N THR A 187 -54.37 -8.17 -7.26
CA THR A 187 -54.53 -8.71 -5.91
C THR A 187 -55.95 -8.50 -5.43
N LEU A 188 -56.56 -9.58 -4.93
CA LEU A 188 -57.93 -9.54 -4.42
C LEU A 188 -58.02 -10.39 -3.16
N SER A 189 -59.03 -10.10 -2.35
CA SER A 189 -59.31 -10.96 -1.20
C SER A 189 -59.99 -12.24 -1.65
N LYS A 190 -59.88 -13.28 -0.83
CA LYS A 190 -60.48 -14.56 -1.18
C LYS A 190 -61.99 -14.43 -1.33
N ALA A 191 -62.61 -13.59 -0.50
CA ALA A 191 -64.06 -13.39 -0.61
C ALA A 191 -64.42 -12.67 -1.90
N ASP A 192 -63.66 -11.62 -2.25
CA ASP A 192 -63.96 -10.88 -3.47
C ASP A 192 -63.65 -11.71 -4.71
N TYR A 193 -62.58 -12.51 -4.65
CA TYR A 193 -62.26 -13.38 -5.77
C TYR A 193 -63.37 -14.40 -6.01
N GLU A 194 -64.02 -14.85 -4.94
CA GLU A 194 -65.08 -15.86 -5.04
C GLU A 194 -66.43 -15.25 -5.37
N LYS A 195 -66.48 -13.98 -5.76
CA LYS A 195 -67.71 -13.31 -6.12
C LYS A 195 -67.87 -13.14 -7.63
N HIS A 196 -66.82 -13.42 -8.40
CA HIS A 196 -66.86 -13.18 -9.84
C HIS A 196 -66.26 -14.37 -10.57
N LYS A 197 -66.72 -14.58 -11.81
CA LYS A 197 -66.36 -15.77 -12.57
C LYS A 197 -65.36 -15.51 -13.69
N VAL A 198 -65.48 -14.41 -14.42
CA VAL A 198 -64.64 -14.14 -15.58
C VAL A 198 -63.52 -13.20 -15.18
N TYR A 199 -62.28 -13.66 -15.29
CA TYR A 199 -61.09 -12.85 -15.03
C TYR A 199 -60.24 -12.81 -16.29
N ALA A 200 -59.80 -11.62 -16.67
CA ALA A 200 -59.04 -11.46 -17.91
C ALA A 200 -58.22 -10.19 -17.84
N CYS A 201 -57.12 -10.18 -18.60
CA CYS A 201 -56.31 -8.98 -18.82
C CYS A 201 -56.28 -8.68 -20.31
N GLU A 202 -56.47 -7.41 -20.66
CA GLU A 202 -56.53 -6.95 -22.04
C GLU A 202 -55.27 -6.16 -22.36
N VAL A 203 -54.43 -6.70 -23.24
CA VAL A 203 -53.16 -6.07 -23.62
C VAL A 203 -53.35 -5.35 -24.94
N THR A 204 -52.81 -4.14 -25.02
CA THR A 204 -52.75 -3.38 -26.27
C THR A 204 -51.30 -3.02 -26.53
N HIS A 205 -50.83 -3.27 -27.75
CA HIS A 205 -49.43 -3.04 -28.09
C HIS A 205 -49.32 -2.77 -29.59
N GLN A 206 -48.23 -2.09 -29.96
CA GLN A 206 -48.03 -1.72 -31.36
C GLN A 206 -47.94 -2.94 -32.26
N GLY A 207 -47.27 -3.99 -31.79
CA GLY A 207 -47.14 -5.20 -32.57
C GLY A 207 -48.42 -5.99 -32.77
N LEU A 208 -49.53 -5.53 -32.19
CA LEU A 208 -50.81 -6.22 -32.25
C LEU A 208 -51.81 -5.36 -33.01
N SER A 209 -52.54 -5.99 -33.94
CA SER A 209 -53.51 -5.27 -34.76
C SER A 209 -54.79 -4.95 -34.00
N SER A 210 -55.04 -5.63 -32.88
CA SER A 210 -56.24 -5.39 -32.08
C SER A 210 -55.97 -5.89 -30.67
N PRO A 211 -56.62 -5.32 -29.66
CA PRO A 211 -56.30 -5.68 -28.27
C PRO A 211 -56.52 -7.17 -28.01
N VAL A 212 -55.50 -7.80 -27.43
CA VAL A 212 -55.52 -9.24 -27.14
C VAL A 212 -55.97 -9.43 -25.69
N THR A 213 -56.76 -10.48 -25.46
CA THR A 213 -57.30 -10.77 -24.13
C THR A 213 -57.20 -12.27 -23.88
N LYS A 214 -56.52 -12.65 -22.79
CA LYS A 214 -56.49 -14.02 -22.31
C LYS A 214 -57.32 -14.10 -21.02
N SER A 215 -58.01 -15.21 -20.82
CA SER A 215 -58.96 -15.30 -19.72
C SER A 215 -59.04 -16.72 -19.19
N PHE A 216 -59.51 -16.83 -17.95
CA PHE A 216 -59.90 -18.10 -17.35
C PHE A 216 -61.21 -17.88 -16.61
N ASN A 217 -61.93 -18.97 -16.37
CA ASN A 217 -63.18 -18.93 -15.63
C ASN A 217 -62.94 -19.37 -14.19
N ARG A 218 -63.58 -18.67 -13.26
CA ARG A 218 -63.36 -18.89 -11.83
C ARG A 218 -63.75 -20.31 -11.42
N GLY A 219 -62.77 -21.06 -10.93
CA GLY A 219 -63.02 -22.41 -10.49
C GLY A 219 -63.44 -23.36 -11.59
N GLU A 220 -63.16 -23.03 -12.85
CA GLU A 220 -63.44 -23.92 -13.96
C GLU A 220 -62.36 -24.98 -14.14
N CYS A 221 -61.23 -24.86 -13.46
CA CYS A 221 -60.11 -25.80 -13.58
C CYS A 221 -59.07 -25.50 -12.50
N HIS B 11 38.65 17.21 -14.18
CA HIS B 11 39.06 17.78 -15.46
C HIS B 11 37.85 18.29 -16.26
N HIS B 12 37.83 19.58 -16.55
CA HIS B 12 36.73 20.18 -17.29
C HIS B 12 37.24 20.74 -18.61
N HIS B 13 36.56 20.39 -19.69
CA HIS B 13 36.82 20.92 -21.01
C HIS B 13 35.48 21.15 -21.68
N HIS B 14 35.47 21.93 -22.76
CA HIS B 14 34.24 22.10 -23.51
C HIS B 14 33.96 20.93 -24.43
N THR B 15 34.99 20.15 -24.77
CA THR B 15 34.76 18.88 -25.46
C THR B 15 33.94 17.93 -24.61
N ASN B 16 34.06 18.06 -23.28
CA ASN B 16 33.26 17.24 -22.37
C ASN B 16 31.78 17.43 -22.63
N LEU B 17 31.01 16.35 -22.46
CA LEU B 17 29.59 16.39 -22.73
C LEU B 17 28.85 17.13 -21.62
N CYS B 18 27.60 17.47 -21.90
CA CYS B 18 26.79 18.22 -20.97
C CYS B 18 26.30 17.32 -19.84
N PRO B 19 26.21 17.84 -18.62
CA PRO B 19 25.92 17.00 -17.45
C PRO B 19 24.43 16.71 -17.29
N PHE B 20 23.89 15.91 -18.22
CA PHE B 20 22.51 15.51 -18.12
C PHE B 20 22.26 14.57 -16.95
N GLY B 21 23.29 13.90 -16.46
CA GLY B 21 23.13 13.07 -15.27
C GLY B 21 22.63 13.86 -14.08
N GLU B 22 23.13 15.09 -13.91
CA GLU B 22 22.73 15.90 -12.77
C GLU B 22 21.22 16.16 -12.77
N VAL B 23 20.62 16.28 -13.95
CA VAL B 23 19.19 16.55 -14.03
C VAL B 23 18.38 15.27 -13.80
N PHE B 24 18.65 14.24 -14.60
CA PHE B 24 17.83 13.03 -14.55
C PHE B 24 18.17 12.17 -13.34
N ASN B 25 19.43 12.14 -12.92
CA ASN B 25 19.88 11.27 -11.84
C ASN B 25 20.04 12.03 -10.53
N ALA B 26 19.08 12.90 -10.19
CA ALA B 26 19.09 13.56 -8.89
C ALA B 26 18.41 12.67 -7.84
N THR B 27 18.87 12.80 -6.60
CA THR B 27 18.25 12.02 -5.54
C THR B 27 16.87 12.54 -5.16
N ARG B 28 16.56 13.80 -5.47
CA ARG B 28 15.24 14.32 -5.16
C ARG B 28 14.96 15.54 -6.03
N PHE B 29 13.72 15.64 -6.49
CA PHE B 29 13.26 16.72 -7.36
C PHE B 29 12.54 17.78 -6.55
N ALA B 30 12.29 18.92 -7.18
CA ALA B 30 11.53 19.99 -6.56
C ALA B 30 10.03 19.76 -6.77
N SER B 31 9.23 20.39 -5.92
CA SER B 31 7.79 20.39 -6.12
C SER B 31 7.42 21.20 -7.36
N VAL B 32 6.29 20.86 -7.96
CA VAL B 32 5.92 21.46 -9.24
C VAL B 32 5.64 22.95 -9.09
N TYR B 33 5.09 23.39 -7.95
CA TYR B 33 4.82 24.81 -7.77
C TYR B 33 6.11 25.62 -7.73
N ALA B 34 7.19 25.02 -7.22
CA ALA B 34 8.51 25.66 -7.20
C ALA B 34 9.48 24.82 -8.01
N TRP B 35 9.23 24.69 -9.30
CA TRP B 35 10.02 23.81 -10.15
C TRP B 35 11.41 24.35 -10.38
N ASN B 36 12.36 23.44 -10.60
CA ASN B 36 13.74 23.81 -10.83
C ASN B 36 13.99 24.07 -12.31
N ARG B 37 15.00 24.89 -12.58
CA ARG B 37 15.41 25.19 -13.95
C ARG B 37 16.93 25.17 -13.99
N LYS B 38 17.50 24.17 -14.64
CA LYS B 38 18.93 24.12 -14.93
C LYS B 38 19.18 24.60 -16.34
N ARG B 39 20.22 25.42 -16.52
CA ARG B 39 20.63 25.88 -17.83
C ARG B 39 21.86 25.12 -18.26
N ILE B 40 21.74 24.38 -19.36
CA ILE B 40 22.82 23.58 -19.91
C ILE B 40 23.50 24.40 -21.01
N SER B 41 24.78 24.68 -20.83
CA SER B 41 25.50 25.56 -21.75
C SER B 41 26.99 25.30 -21.64
N ASN B 42 27.73 25.74 -22.67
CA ASN B 42 29.19 25.63 -22.73
C ASN B 42 29.63 24.17 -22.60
N CYS B 43 29.05 23.32 -23.43
CA CYS B 43 29.36 21.89 -23.47
C CYS B 43 28.79 21.34 -24.77
N VAL B 44 28.85 20.02 -24.93
CA VAL B 44 28.36 19.34 -26.13
C VAL B 44 27.34 18.31 -25.70
N ALA B 45 26.09 18.47 -26.16
CA ALA B 45 25.00 17.61 -25.73
C ALA B 45 24.80 16.45 -26.69
N ASP B 46 24.54 15.26 -26.14
CA ASP B 46 24.22 14.07 -26.91
C ASP B 46 22.87 13.54 -26.42
N TYR B 47 21.84 13.75 -27.22
CA TYR B 47 20.49 13.30 -26.91
C TYR B 47 20.24 11.86 -27.32
N SER B 48 21.25 11.18 -27.89
CA SER B 48 21.07 9.80 -28.29
C SER B 48 20.84 8.91 -27.08
N VAL B 49 21.54 9.17 -25.98
CA VAL B 49 21.38 8.35 -24.78
C VAL B 49 19.98 8.53 -24.20
N LEU B 50 19.41 9.72 -24.33
CA LEU B 50 18.13 10.00 -23.68
C LEU B 50 16.98 9.21 -24.33
N TYR B 51 16.78 9.41 -25.64
CA TYR B 51 15.67 8.73 -26.31
C TYR B 51 15.84 7.22 -26.28
N ASN B 52 17.08 6.74 -26.40
CA ASN B 52 17.31 5.29 -26.46
C ASN B 52 16.88 4.59 -25.18
N SER B 53 16.87 5.31 -24.06
CA SER B 53 16.50 4.72 -22.78
C SER B 53 15.09 4.16 -22.83
N ALA B 54 14.94 2.91 -22.40
CA ALA B 54 13.65 2.23 -22.43
C ALA B 54 12.85 2.42 -21.15
N SER B 55 13.22 3.38 -20.32
CA SER B 55 12.56 3.60 -19.05
C SER B 55 11.75 4.89 -19.02
N PHE B 56 11.55 5.54 -20.17
CA PHE B 56 10.79 6.78 -20.24
C PHE B 56 9.38 6.47 -20.73
N SER B 57 8.41 6.56 -19.81
CA SER B 57 7.03 6.27 -20.17
C SER B 57 6.40 7.38 -20.99
N THR B 58 6.98 8.57 -20.97
CA THR B 58 6.49 9.69 -21.76
C THR B 58 7.69 10.46 -22.30
N PHE B 59 7.68 10.71 -23.63
CA PHE B 59 8.77 11.39 -24.32
C PHE B 59 8.19 12.00 -25.59
N LYS B 60 7.54 13.14 -25.42
CA LYS B 60 6.90 13.88 -26.50
C LYS B 60 7.67 15.17 -26.74
N CYS B 61 7.97 15.44 -28.01
CA CYS B 61 8.70 16.63 -28.41
C CYS B 61 7.82 17.48 -29.32
N TYR B 62 7.94 18.80 -29.18
CA TYR B 62 7.07 19.75 -29.86
C TYR B 62 7.92 20.72 -30.67
N GLY B 63 7.58 20.88 -31.95
CA GLY B 63 8.33 21.75 -32.82
C GLY B 63 9.67 21.23 -33.30
N VAL B 64 10.05 20.00 -32.91
CA VAL B 64 11.32 19.43 -33.32
C VAL B 64 11.28 17.92 -33.11
N SER B 65 11.67 17.16 -34.14
CA SER B 65 11.66 15.71 -34.01
C SER B 65 12.86 15.23 -33.21
N PRO B 66 12.67 14.30 -32.27
CA PRO B 66 13.80 13.85 -31.43
C PRO B 66 14.94 13.23 -32.23
N THR B 67 14.64 12.72 -33.42
CA THR B 67 15.68 12.07 -34.22
C THR B 67 16.72 13.07 -34.70
N LYS B 68 16.27 14.28 -35.06
CA LYS B 68 17.17 15.33 -35.54
C LYS B 68 17.60 16.27 -34.42
N LEU B 69 17.81 15.75 -33.21
CA LEU B 69 18.24 16.59 -32.11
C LEU B 69 19.75 16.86 -32.17
N ASN B 70 20.55 15.80 -32.32
CA ASN B 70 22.00 15.96 -32.39
C ASN B 70 22.43 16.69 -33.66
N ASP B 71 21.57 16.75 -34.68
CA ASP B 71 21.88 17.43 -35.93
C ASP B 71 21.39 18.87 -35.95
N LEU B 72 21.00 19.42 -34.80
CA LEU B 72 20.46 20.77 -34.74
C LEU B 72 21.38 21.67 -33.93
N CYS B 73 21.24 22.97 -34.19
CA CYS B 73 22.07 24.01 -33.56
C CYS B 73 21.19 24.86 -32.65
N PHE B 74 21.42 24.78 -31.34
CA PHE B 74 20.69 25.56 -30.35
C PHE B 74 21.59 26.64 -29.78
N THR B 75 21.03 27.83 -29.59
CA THR B 75 21.75 28.91 -28.93
C THR B 75 21.59 28.88 -27.41
N ASN B 76 20.74 28.00 -26.89
CA ASN B 76 20.43 27.94 -25.46
C ASN B 76 19.57 26.72 -25.12
N VAL B 77 19.75 26.15 -23.92
CA VAL B 77 19.04 24.93 -23.53
C VAL B 77 18.65 25.05 -22.06
N TYR B 78 17.39 24.73 -21.75
CA TYR B 78 16.88 24.75 -20.40
C TYR B 78 16.41 23.36 -20.01
N ALA B 79 16.66 22.98 -18.75
CA ALA B 79 16.24 21.69 -18.21
C ALA B 79 15.42 21.94 -16.96
N ASP B 80 14.10 21.91 -17.10
CA ASP B 80 13.19 22.07 -15.96
C ASP B 80 12.79 20.71 -15.42
N SER B 81 12.79 20.58 -14.10
CA SER B 81 12.52 19.31 -13.46
C SER B 81 11.62 19.50 -12.24
N PHE B 82 10.67 18.59 -12.06
CA PHE B 82 9.70 18.63 -10.97
C PHE B 82 9.04 17.26 -10.86
N VAL B 83 8.00 17.16 -10.03
CA VAL B 83 7.26 15.93 -9.83
C VAL B 83 5.76 16.24 -9.84
N ILE B 84 4.98 15.39 -10.50
CA ILE B 84 3.52 15.39 -10.44
C ILE B 84 3.04 13.95 -10.37
N ARG B 85 1.73 13.76 -10.40
CA ARG B 85 1.16 12.42 -10.39
C ARG B 85 0.84 11.98 -11.81
N GLY B 86 0.57 10.68 -11.95
CA GLY B 86 0.48 10.07 -13.27
C GLY B 86 -0.57 10.70 -14.17
N ASP B 87 -1.77 10.96 -13.62
CA ASP B 87 -2.82 11.55 -14.42
C ASP B 87 -2.51 12.99 -14.83
N GLU B 88 -1.59 13.64 -14.13
CA GLU B 88 -1.25 15.03 -14.41
C GLU B 88 -0.14 15.17 -15.45
N VAL B 89 0.41 14.06 -15.95
CA VAL B 89 1.49 14.15 -16.93
C VAL B 89 0.99 14.78 -18.22
N ARG B 90 -0.25 14.46 -18.62
CA ARG B 90 -0.81 14.98 -19.86
C ARG B 90 -1.00 16.48 -19.84
N GLN B 91 -0.86 17.14 -18.68
CA GLN B 91 -0.95 18.58 -18.59
C GLN B 91 0.35 19.29 -18.94
N ILE B 92 1.46 18.56 -19.05
CA ILE B 92 2.75 19.17 -19.38
C ILE B 92 2.91 19.16 -20.89
N ALA B 93 2.10 19.95 -21.59
CA ALA B 93 2.15 20.06 -23.03
C ALA B 93 1.53 21.38 -23.44
N PRO B 94 1.95 21.95 -24.57
CA PRO B 94 1.34 23.21 -25.00
C PRO B 94 -0.15 23.06 -25.22
N GLY B 95 -0.89 24.11 -24.86
CA GLY B 95 -2.33 24.13 -25.08
C GLY B 95 -3.14 23.29 -24.12
N GLN B 96 -2.67 23.10 -22.90
CA GLN B 96 -3.39 22.34 -21.90
C GLN B 96 -3.90 23.25 -20.78
N THR B 97 -4.89 22.75 -20.04
CA THR B 97 -5.31 23.41 -18.81
C THR B 97 -5.37 22.39 -17.67
N GLY B 98 -5.97 22.77 -16.57
CA GLY B 98 -5.93 21.97 -15.35
C GLY B 98 -5.13 22.66 -14.26
N ASN B 99 -5.21 22.08 -13.06
CA ASN B 99 -4.57 22.69 -11.90
CA ASN B 99 -4.58 22.69 -11.90
C ASN B 99 -3.06 22.83 -12.10
N ILE B 100 -2.44 21.90 -12.83
CA ILE B 100 -1.00 21.98 -13.02
C ILE B 100 -0.64 22.98 -14.12
N ALA B 101 -1.34 22.93 -15.25
CA ALA B 101 -0.98 23.79 -16.37
C ALA B 101 -1.37 25.24 -16.13
N ASP B 102 -2.45 25.47 -15.39
CA ASP B 102 -2.90 26.81 -15.11
C ASP B 102 -2.20 27.44 -13.91
N TYR B 103 -1.88 26.64 -12.89
CA TYR B 103 -1.44 27.19 -11.61
C TYR B 103 -0.03 26.79 -11.19
N ASN B 104 0.61 25.82 -11.86
CA ASN B 104 1.90 25.34 -11.42
C ASN B 104 2.98 25.45 -12.48
N TYR B 105 2.71 24.99 -13.70
CA TYR B 105 3.71 25.02 -14.76
C TYR B 105 3.01 25.09 -16.11
N LYS B 106 3.25 26.17 -16.86
CA LYS B 106 2.60 26.40 -18.14
C LYS B 106 3.65 26.51 -19.24
N LEU B 107 3.44 25.77 -20.32
CA LEU B 107 4.24 25.74 -21.53
C LEU B 107 3.63 26.69 -22.58
N PRO B 108 4.45 27.35 -23.38
CA PRO B 108 3.92 28.26 -24.40
C PRO B 108 3.26 27.49 -25.54
N ASP B 109 2.41 28.20 -26.28
CA ASP B 109 1.74 27.57 -27.42
C ASP B 109 2.72 27.25 -28.54
N ASP B 110 3.75 28.06 -28.72
CA ASP B 110 4.82 27.80 -29.67
C ASP B 110 6.02 27.14 -28.99
N PHE B 111 5.75 26.21 -28.08
CA PHE B 111 6.81 25.53 -27.36
C PHE B 111 7.69 24.75 -28.32
N THR B 112 9.00 24.93 -28.18
CA THR B 112 10.01 24.26 -29.01
C THR B 112 10.94 23.49 -28.06
N GLY B 113 10.57 22.25 -27.77
CA GLY B 113 11.34 21.46 -26.83
C GLY B 113 10.77 20.06 -26.69
N CYS B 114 11.19 19.39 -25.61
CA CYS B 114 10.79 18.01 -25.36
C CYS B 114 10.32 17.86 -23.92
N VAL B 115 9.50 16.83 -23.69
CA VAL B 115 8.94 16.52 -22.38
C VAL B 115 9.24 15.07 -22.09
N ILE B 116 9.98 14.81 -21.01
CA ILE B 116 10.44 13.47 -20.65
C ILE B 116 9.93 13.15 -19.25
N ALA B 117 9.23 12.02 -19.12
CA ALA B 117 8.62 11.64 -17.85
C ALA B 117 8.84 10.16 -17.58
N TRP B 118 8.96 9.82 -16.30
CA TRP B 118 9.07 8.43 -15.90
C TRP B 118 8.47 8.24 -14.51
N ASN B 119 7.77 7.12 -14.33
CA ASN B 119 7.22 6.75 -13.04
C ASN B 119 8.34 6.60 -12.01
N SER B 120 8.20 7.25 -10.87
CA SER B 120 9.20 7.26 -9.81
C SER B 120 8.62 6.77 -8.49
N ASN B 121 7.83 5.70 -8.54
CA ASN B 121 7.15 5.22 -7.34
C ASN B 121 8.08 4.51 -6.37
N ASN B 122 9.27 4.11 -6.82
CA ASN B 122 10.28 3.54 -5.94
C ASN B 122 11.13 4.60 -5.26
N LEU B 123 10.94 5.88 -5.61
CA LEU B 123 11.78 6.96 -5.12
C LEU B 123 11.03 8.04 -4.38
N ASP B 124 9.76 8.29 -4.70
CA ASP B 124 9.08 9.47 -4.18
C ASP B 124 7.77 9.13 -3.46
N SER B 125 7.59 7.87 -3.06
CA SER B 125 6.41 7.45 -2.31
C SER B 125 6.88 6.67 -1.09
N LYS B 126 6.30 6.98 0.07
CA LYS B 126 6.64 6.28 1.30
C LYS B 126 5.37 5.70 1.92
N VAL B 127 5.55 4.60 2.64
CA VAL B 127 4.44 4.01 3.37
C VAL B 127 4.01 4.96 4.47
N GLY B 128 2.73 5.31 4.47
CA GLY B 128 2.24 6.40 5.29
C GLY B 128 2.20 7.73 4.58
N GLY B 129 2.68 7.80 3.34
CA GLY B 129 2.58 9.01 2.55
C GLY B 129 3.81 9.90 2.59
N ASN B 130 4.41 10.14 1.44
CA ASN B 130 5.48 11.13 1.32
C ASN B 130 4.83 12.48 1.00
N TYR B 131 4.82 13.37 1.98
CA TYR B 131 4.19 14.66 1.84
C TYR B 131 5.16 15.76 1.44
N ASN B 132 6.38 15.39 1.03
CA ASN B 132 7.39 16.38 0.68
C ASN B 132 7.00 17.19 -0.55
N TYR B 133 6.29 16.57 -1.49
CA TYR B 133 5.98 17.20 -2.76
C TYR B 133 4.66 17.96 -2.69
N LEU B 134 4.66 19.19 -3.18
CA LEU B 134 3.51 20.08 -3.09
C LEU B 134 3.11 20.56 -4.48
N TYR B 135 1.92 21.16 -4.55
CA TYR B 135 1.45 21.76 -5.80
C TYR B 135 0.45 22.87 -5.47
N ARG B 136 0.55 23.97 -6.20
CA ARG B 136 -0.37 25.08 -5.99
C ARG B 136 -1.73 24.75 -6.56
N LEU B 137 -2.77 24.87 -5.74
CA LEU B 137 -4.14 24.56 -6.13
C LEU B 137 -5.03 25.78 -6.26
N PHE B 138 -4.86 26.77 -5.40
CA PHE B 138 -5.67 27.99 -5.44
C PHE B 138 -4.85 29.12 -6.01
N ARG B 139 -5.42 29.82 -6.99
CA ARG B 139 -4.76 30.96 -7.61
C ARG B 139 -5.78 31.77 -8.38
N LYS B 140 -5.65 33.09 -8.34
CA LYS B 140 -6.66 33.98 -8.92
C LYS B 140 -6.66 33.90 -10.44
N SER B 141 -5.52 34.16 -11.08
CA SER B 141 -5.40 34.10 -12.53
C SER B 141 -4.33 33.08 -12.92
N ASN B 142 -4.44 32.58 -14.14
CA ASN B 142 -3.56 31.52 -14.60
C ASN B 142 -2.10 32.01 -14.69
N LEU B 143 -1.18 31.07 -14.61
CA LEU B 143 0.22 31.37 -14.82
C LEU B 143 0.47 31.73 -16.28
N LYS B 144 1.53 32.48 -16.50
CA LYS B 144 2.03 32.68 -17.84
C LYS B 144 3.09 31.64 -18.16
N PRO B 145 3.36 31.39 -19.44
CA PRO B 145 4.35 30.37 -19.80
C PRO B 145 5.69 30.61 -19.14
N PHE B 146 6.21 29.57 -18.49
CA PHE B 146 7.51 29.60 -17.81
C PHE B 146 7.51 30.55 -16.62
N GLU B 147 6.39 30.63 -15.91
CA GLU B 147 6.29 31.43 -14.70
C GLU B 147 6.32 30.51 -13.49
N ARG B 148 7.05 30.93 -12.45
CA ARG B 148 7.16 30.19 -11.21
C ARG B 148 6.56 31.02 -10.08
N ASP B 149 5.54 30.49 -9.42
CA ASP B 149 4.91 31.14 -8.28
C ASP B 149 5.19 30.31 -7.04
N ILE B 150 6.08 30.81 -6.19
CA ILE B 150 6.37 30.18 -4.91
C ILE B 150 5.66 30.90 -3.76
N SER B 151 4.68 31.75 -4.07
CA SER B 151 3.97 32.49 -3.04
C SER B 151 3.19 31.55 -2.13
N THR B 152 3.12 31.90 -0.86
CA THR B 152 2.40 31.12 0.15
C THR B 152 1.30 31.92 0.82
N GLU B 153 0.82 32.97 0.17
CA GLU B 153 -0.19 33.83 0.76
C GLU B 153 -1.53 33.12 0.81
N ILE B 154 -2.21 33.26 1.95
CA ILE B 154 -3.51 32.62 2.15
C ILE B 154 -4.49 33.14 1.10
N TYR B 155 -5.05 32.22 0.32
CA TYR B 155 -5.96 32.60 -0.75
C TYR B 155 -7.31 33.00 -0.17
N GLN B 156 -7.73 34.24 -0.43
CA GLN B 156 -8.99 34.75 0.08
C GLN B 156 -10.08 34.48 -0.95
N ALA B 157 -11.06 33.65 -0.58
CA ALA B 157 -12.16 33.32 -1.47
C ALA B 157 -13.29 34.33 -1.38
N GLY B 158 -13.72 34.66 -0.17
CA GLY B 158 -14.80 35.61 0.02
C GLY B 158 -14.30 37.05 -0.04
N SER B 159 -15.19 37.97 0.36
CA SER B 159 -14.83 39.37 0.49
C SER B 159 -14.30 39.70 1.88
N THR B 160 -14.46 38.80 2.84
CA THR B 160 -13.91 39.00 4.16
C THR B 160 -12.43 38.64 4.15
N PRO B 161 -11.53 39.58 4.45
CA PRO B 161 -10.10 39.26 4.46
C PRO B 161 -9.78 38.16 5.47
N CYS B 162 -8.70 37.44 5.18
CA CYS B 162 -8.25 36.34 6.01
C CYS B 162 -7.17 36.74 7.00
N ASN B 163 -6.43 37.80 6.70
CA ASN B 163 -5.35 38.28 7.56
C ASN B 163 -4.37 37.16 7.88
N GLY B 164 -4.05 36.37 6.86
CA GLY B 164 -3.06 35.31 7.00
C GLY B 164 -3.54 34.08 7.74
N VAL B 165 -4.81 33.99 8.09
CA VAL B 165 -5.34 32.91 8.92
C VAL B 165 -6.16 31.97 8.05
N LYS B 166 -5.98 30.67 8.25
CA LYS B 166 -6.68 29.67 7.47
C LYS B 166 -8.09 29.42 8.03
N GLY B 167 -9.00 29.05 7.15
CA GLY B 167 -10.36 28.77 7.56
C GLY B 167 -11.31 28.82 6.36
N PHE B 168 -12.60 28.94 6.67
CA PHE B 168 -13.61 29.02 5.64
C PHE B 168 -13.35 30.20 4.71
N ASN B 169 -13.46 29.95 3.40
CA ASN B 169 -13.18 30.97 2.37
C ASN B 169 -11.80 31.57 2.53
N CYS B 170 -10.87 30.80 3.12
CA CYS B 170 -9.53 31.28 3.43
C CYS B 170 -8.59 30.06 3.47
N TYR B 171 -8.10 29.66 2.30
CA TYR B 171 -7.42 28.38 2.15
C TYR B 171 -5.97 28.55 1.75
N PHE B 172 -5.15 27.62 2.23
CA PHE B 172 -3.74 27.57 1.86
C PHE B 172 -3.63 27.23 0.37
N PRO B 173 -2.89 28.01 -0.41
CA PRO B 173 -2.82 27.75 -1.86
C PRO B 173 -2.08 26.47 -2.22
N LEU B 174 -1.22 25.95 -1.36
CA LEU B 174 -0.45 24.76 -1.67
C LEU B 174 -1.08 23.54 -1.02
N GLN B 175 -0.65 22.37 -1.47
CA GLN B 175 -1.28 21.11 -1.11
C GLN B 175 -0.34 19.98 -1.47
N SER B 176 -0.35 18.92 -0.66
CA SER B 176 0.63 17.86 -0.81
C SER B 176 0.04 16.66 -1.56
N TYR B 177 0.94 15.88 -2.17
CA TYR B 177 0.51 14.70 -2.90
C TYR B 177 0.32 13.50 -1.98
N GLY B 178 1.11 13.41 -0.92
CA GLY B 178 1.02 12.29 0.01
C GLY B 178 1.22 10.95 -0.68
N PHE B 179 2.29 10.84 -1.47
CA PHE B 179 2.51 9.66 -2.29
C PHE B 179 2.66 8.41 -1.44
N GLN B 180 1.80 7.42 -1.67
CA GLN B 180 1.91 6.11 -1.06
C GLN B 180 2.11 5.06 -2.15
N PRO B 181 2.98 4.08 -1.91
CA PRO B 181 3.31 3.11 -2.98
C PRO B 181 2.12 2.27 -3.44
N THR B 182 1.04 2.20 -2.65
CA THR B 182 -0.13 1.41 -3.01
C THR B 182 -1.11 2.17 -3.90
N TYR B 183 -0.84 3.43 -4.21
CA TYR B 183 -1.75 4.23 -5.03
C TYR B 183 -1.79 3.72 -6.46
N GLY B 184 -2.85 4.12 -7.17
CA GLY B 184 -2.94 3.83 -8.58
C GLY B 184 -1.94 4.65 -9.38
N VAL B 185 -1.60 4.13 -10.56
CA VAL B 185 -0.57 4.77 -11.39
C VAL B 185 -0.97 6.19 -11.74
N GLY B 186 -2.26 6.48 -11.79
CA GLY B 186 -2.71 7.85 -12.00
C GLY B 186 -2.42 8.79 -10.85
N TYR B 187 -2.04 8.24 -9.69
CA TYR B 187 -1.70 9.04 -8.53
C TYR B 187 -0.28 8.79 -8.03
N GLN B 188 0.47 7.93 -8.69
CA GLN B 188 1.84 7.67 -8.29
C GLN B 188 2.74 8.81 -8.75
N PRO B 189 3.88 9.01 -8.09
CA PRO B 189 4.77 10.11 -8.49
C PRO B 189 5.44 9.83 -9.82
N TYR B 190 5.52 10.87 -10.65
CA TYR B 190 6.19 10.80 -11.94
C TYR B 190 7.18 11.95 -12.03
N ARG B 191 8.45 11.61 -12.24
CA ARG B 191 9.48 12.63 -12.41
C ARG B 191 9.49 13.12 -13.85
N VAL B 192 9.53 14.44 -14.02
CA VAL B 192 9.42 15.08 -15.32
C VAL B 192 10.67 15.92 -15.56
N VAL B 193 11.14 15.90 -16.81
CA VAL B 193 12.23 16.77 -17.26
C VAL B 193 11.80 17.42 -18.57
N VAL B 194 11.75 18.75 -18.59
CA VAL B 194 11.30 19.52 -19.75
C VAL B 194 12.50 20.27 -20.31
N LEU B 195 12.85 19.97 -21.55
CA LEU B 195 13.97 20.60 -22.23
C LEU B 195 13.45 21.70 -23.13
N SER B 196 13.93 22.93 -22.91
CA SER B 196 13.56 24.08 -23.73
C SER B 196 14.73 24.42 -24.64
N PHE B 197 14.48 24.44 -25.95
CA PHE B 197 15.51 24.73 -26.92
C PHE B 197 15.40 26.17 -27.41
N GLU B 198 16.52 26.67 -27.95
CA GLU B 198 16.60 28.00 -28.55
C GLU B 198 17.35 27.85 -29.87
N LEU B 199 16.59 27.67 -30.94
CA LEU B 199 17.19 27.44 -32.25
C LEU B 199 18.00 28.65 -32.70
N LEU B 200 19.01 28.36 -33.53
CA LEU B 200 19.84 29.39 -34.13
C LEU B 200 19.18 29.89 -35.41
N HIS B 201 19.01 31.21 -35.52
CA HIS B 201 18.56 31.80 -36.77
C HIS B 201 19.70 31.72 -37.77
N ALA B 202 19.66 30.72 -38.65
CA ALA B 202 20.73 30.48 -39.60
C ALA B 202 20.13 29.94 -40.88
N PRO B 203 20.76 30.19 -42.03
CA PRO B 203 20.27 29.60 -43.28
C PRO B 203 20.34 28.08 -43.23
N ALA B 204 19.56 27.45 -44.10
CA ALA B 204 19.50 26.00 -44.11
C ALA B 204 20.86 25.39 -44.44
N THR B 205 21.68 26.08 -45.23
CA THR B 205 22.99 25.56 -45.62
C THR B 205 23.90 25.29 -44.43
N VAL B 206 23.57 25.82 -43.26
CA VAL B 206 24.34 25.55 -42.05
C VAL B 206 23.71 24.37 -41.32
N CYS B 207 22.66 24.63 -40.55
CA CYS B 207 21.98 23.59 -39.80
C CYS B 207 20.85 22.97 -40.62
N GLU C 1 -5.08 2.13 -6.64
CA GLU C 1 -6.28 2.41 -7.41
C GLU C 1 -7.34 3.07 -6.55
N VAL C 2 -8.22 3.84 -7.19
CA VAL C 2 -9.27 4.52 -6.44
C VAL C 2 -10.30 3.51 -5.96
N GLN C 3 -10.69 3.62 -4.70
CA GLN C 3 -11.55 2.61 -4.08
C GLN C 3 -12.34 3.28 -2.96
N LEU C 4 -13.66 3.19 -3.05
CA LEU C 4 -14.56 3.75 -2.04
C LEU C 4 -15.47 2.64 -1.54
N VAL C 5 -15.25 2.20 -0.30
CA VAL C 5 -15.99 1.08 0.29
C VAL C 5 -16.98 1.68 1.29
N GLU C 6 -18.27 1.56 0.99
CA GLU C 6 -19.32 2.08 1.85
C GLU C 6 -19.87 0.98 2.75
N SER C 7 -20.55 1.39 3.81
CA SER C 7 -21.11 0.47 4.79
C SER C 7 -22.13 1.22 5.62
N GLY C 8 -22.79 0.50 6.53
CA GLY C 8 -23.71 1.11 7.46
C GLY C 8 -25.17 1.05 7.05
N GLY C 9 -25.47 0.79 5.78
CA GLY C 9 -26.86 0.74 5.35
C GLY C 9 -27.61 -0.42 5.98
N GLY C 10 -28.93 -0.32 5.92
CA GLY C 10 -29.78 -1.36 6.46
C GLY C 10 -31.18 -0.84 6.72
N VAL C 11 -31.96 -1.69 7.40
CA VAL C 11 -33.34 -1.35 7.74
C VAL C 11 -33.35 -0.55 9.03
N VAL C 12 -34.03 0.59 9.02
CA VAL C 12 -34.15 1.45 10.19
C VAL C 12 -35.61 1.83 10.37
N GLN C 13 -36.06 1.88 11.61
CA GLN C 13 -37.41 2.31 11.90
C GLN C 13 -37.55 3.81 11.60
N PRO C 14 -38.73 4.25 11.18
CA PRO C 14 -38.93 5.67 10.91
C PRO C 14 -38.72 6.52 12.16
N GLY C 15 -37.98 7.61 12.00
CA GLY C 15 -37.62 8.45 13.12
C GLY C 15 -36.32 8.07 13.80
N ARG C 16 -35.76 6.90 13.49
CA ARG C 16 -34.50 6.44 14.06
C ARG C 16 -33.33 6.90 13.20
N SER C 17 -32.12 6.79 13.76
CA SER C 17 -30.91 7.27 13.13
C SER C 17 -30.09 6.12 12.56
N LEU C 18 -29.14 6.47 11.70
CA LEU C 18 -28.22 5.50 11.09
C LEU C 18 -27.03 6.23 10.47
N ARG C 19 -25.82 5.75 10.75
CA ARG C 19 -24.60 6.39 10.26
C ARG C 19 -24.06 5.60 9.08
N LEU C 20 -23.90 6.27 7.95
CA LEU C 20 -23.28 5.69 6.77
C LEU C 20 -21.79 5.98 6.76
N SER C 21 -21.01 4.99 6.37
CA SER C 21 -19.56 5.11 6.28
C SER C 21 -19.11 4.94 4.84
N CYS C 22 -17.85 5.30 4.60
CA CYS C 22 -17.29 5.33 3.26
C CYS C 22 -15.78 5.47 3.35
N ALA C 23 -15.06 4.34 3.33
CA ALA C 23 -13.61 4.37 3.48
C ALA C 23 -12.94 4.46 2.11
N ALA C 24 -11.90 5.29 2.03
CA ALA C 24 -11.24 5.61 0.78
C ALA C 24 -9.80 5.13 0.78
N SER C 25 -9.32 4.78 -0.40
CA SER C 25 -7.96 4.30 -0.58
C SER C 25 -7.50 4.64 -2.00
N GLY C 26 -6.19 4.57 -2.20
CA GLY C 26 -5.61 4.81 -3.50
C GLY C 26 -5.41 6.25 -3.88
N PHE C 27 -5.76 7.19 -3.01
CA PHE C 27 -5.49 8.60 -3.25
C PHE C 27 -5.43 9.33 -1.92
N THR C 28 -4.82 10.51 -1.95
CA THR C 28 -4.66 11.32 -0.74
C THR C 28 -6.01 11.91 -0.36
N PHE C 29 -6.65 11.29 0.64
CA PHE C 29 -8.04 11.62 0.94
C PHE C 29 -8.16 13.00 1.55
N SER C 30 -7.27 13.36 2.48
CA SER C 30 -7.30 14.63 3.20
C SER C 30 -7.25 15.82 2.24
N ASN C 31 -7.33 15.56 0.95
CA ASN C 31 -7.09 16.56 -0.08
C ASN C 31 -8.25 16.77 -1.03
N TYR C 32 -9.29 15.94 -0.98
CA TYR C 32 -10.39 15.99 -1.93
C TYR C 32 -11.71 16.15 -1.19
N GLY C 33 -12.63 16.88 -1.80
CA GLY C 33 -13.96 16.99 -1.25
C GLY C 33 -14.80 15.77 -1.57
N MET C 34 -15.70 15.44 -0.66
CA MET C 34 -16.51 14.23 -0.75
C MET C 34 -17.98 14.57 -0.83
N HIS C 35 -18.69 13.85 -1.70
CA HIS C 35 -20.12 14.02 -1.88
C HIS C 35 -20.86 12.77 -1.39
N ARG C 36 -22.16 12.93 -1.18
CA ARG C 36 -23.06 11.82 -0.92
C ARG C 36 -24.28 12.01 -1.79
N VAL C 37 -24.60 11.00 -2.60
CA VAL C 37 -25.69 11.06 -3.56
C VAL C 37 -26.53 9.79 -3.41
N ARG C 38 -27.84 9.96 -3.30
CA ARG C 38 -28.75 8.84 -3.12
C ARG C 38 -29.60 8.65 -4.37
N GLN C 39 -30.19 7.46 -4.48
CA GLN C 39 -31.07 7.12 -5.58
C GLN C 39 -32.23 6.29 -5.02
N ALA C 40 -33.39 6.92 -4.88
CA ALA C 40 -34.57 6.21 -4.39
C ALA C 40 -34.96 5.10 -5.37
N PRO C 41 -35.56 4.01 -4.88
CA PRO C 41 -35.93 2.89 -5.77
C PRO C 41 -36.70 3.32 -7.01
N GLY C 42 -36.11 3.10 -8.18
CA GLY C 42 -36.75 3.42 -9.44
C GLY C 42 -36.72 4.89 -9.83
N LYS C 43 -36.06 5.74 -9.06
CA LYS C 43 -36.01 7.17 -9.33
C LYS C 43 -34.64 7.56 -9.91
N GLY C 44 -34.41 8.86 -10.03
CA GLY C 44 -33.17 9.37 -10.57
C GLY C 44 -32.16 9.71 -9.49
N LEU C 45 -31.07 10.32 -9.91
CA LEU C 45 -30.00 10.70 -9.00
C LEU C 45 -30.37 11.99 -8.27
N GLU C 46 -30.12 12.02 -6.96
CA GLU C 46 -30.41 13.18 -6.15
C GLU C 46 -29.20 13.48 -5.25
N TRP C 47 -28.73 14.72 -5.32
CA TRP C 47 -27.62 15.15 -4.50
C TRP C 47 -28.07 15.34 -3.05
N VAL C 48 -27.20 14.99 -2.10
CA VAL C 48 -27.57 15.02 -0.69
C VAL C 48 -26.69 15.98 0.10
N ALA C 49 -25.40 15.67 0.21
CA ALA C 49 -24.52 16.39 1.12
C ALA C 49 -23.16 16.62 0.45
N LEU C 50 -22.30 17.36 1.15
CA LEU C 50 -21.00 17.75 0.63
C LEU C 50 -20.12 18.20 1.79
N ILE C 51 -18.85 17.82 1.75
CA ILE C 51 -17.87 18.30 2.71
C ILE C 51 -16.60 18.69 1.95
N SER C 52 -15.90 19.68 2.46
CA SER C 52 -14.70 20.20 1.81
C SER C 52 -13.49 19.35 2.17
N TYR C 53 -12.34 19.69 1.57
CA TYR C 53 -11.14 18.89 1.80
C TYR C 53 -10.58 19.10 3.20
N GLU C 54 -10.78 20.29 3.77
CA GLU C 54 -10.38 20.58 5.14
C GLU C 54 -11.57 20.55 6.10
N GLU C 55 -12.56 19.72 5.80
CA GLU C 55 -13.81 19.56 6.55
C GLU C 55 -14.40 20.89 6.99
N SER C 56 -14.35 21.90 6.11
CA SER C 56 -14.90 23.21 6.42
C SER C 56 -16.24 23.42 5.70
N ASN C 57 -16.22 23.47 4.38
CA ASN C 57 -17.47 23.64 3.63
C ASN C 57 -18.38 22.45 3.85
N ARG C 58 -19.62 22.74 4.24
CA ARG C 58 -20.65 21.71 4.41
C ARG C 58 -21.96 22.25 3.86
N TYR C 59 -22.48 21.63 2.82
CA TYR C 59 -23.72 22.04 2.21
C TYR C 59 -24.61 20.82 1.99
N TYR C 60 -25.92 21.05 2.10
CA TYR C 60 -26.90 19.98 2.10
C TYR C 60 -28.03 20.31 1.13
N GLY C 61 -28.73 19.25 0.70
CA GLY C 61 -29.91 19.43 -0.12
C GLY C 61 -31.10 19.87 0.70
N ASP C 62 -32.06 20.49 0.01
CA ASP C 62 -33.20 21.09 0.69
C ASP C 62 -33.96 20.07 1.53
N SER C 63 -34.05 18.83 1.04
CA SER C 63 -34.88 17.83 1.70
C SER C 63 -34.21 17.21 2.93
N VAL C 64 -32.95 17.55 3.22
CA VAL C 64 -32.24 16.88 4.30
C VAL C 64 -31.47 17.87 5.16
N ARG C 65 -31.75 19.17 5.02
CA ARG C 65 -30.78 20.19 5.40
C ARG C 65 -30.39 20.10 6.87
N GLY C 66 -31.37 19.95 7.75
CA GLY C 66 -31.08 19.90 9.16
C GLY C 66 -30.95 18.48 9.68
N ARG C 67 -31.56 17.52 8.99
CA ARG C 67 -31.62 16.15 9.49
C ARG C 67 -30.34 15.37 9.24
N PHE C 68 -29.58 15.74 8.21
CA PHE C 68 -28.34 15.04 7.87
C PHE C 68 -27.15 15.88 8.28
N THR C 69 -26.10 15.20 8.74
CA THR C 69 -24.84 15.84 9.12
C THR C 69 -23.70 15.07 8.50
N ILE C 70 -22.93 15.72 7.64
CA ILE C 70 -21.80 15.10 6.97
C ILE C 70 -20.52 15.45 7.72
N SER C 71 -19.60 14.49 7.79
CA SER C 71 -18.35 14.68 8.50
C SER C 71 -17.29 13.79 7.86
N ARG C 72 -16.04 14.00 8.26
CA ARG C 72 -14.93 13.24 7.72
C ARG C 72 -13.82 13.15 8.75
N ASP C 73 -13.09 12.03 8.72
CA ASP C 73 -11.91 11.81 9.54
C ASP C 73 -10.73 11.67 8.61
N ASN C 74 -9.99 12.76 8.39
CA ASN C 74 -8.83 12.72 7.50
C ASN C 74 -7.71 11.86 8.03
N SER C 75 -7.80 11.38 9.27
CA SER C 75 -6.81 10.45 9.80
C SER C 75 -7.13 9.00 9.45
N LYS C 76 -8.40 8.66 9.31
CA LYS C 76 -8.82 7.33 8.87
C LYS C 76 -9.34 7.32 7.44
N ASN C 77 -9.23 8.45 6.74
CA ASN C 77 -9.59 8.54 5.32
C ASN C 77 -11.03 8.09 5.08
N THR C 78 -11.93 8.48 5.98
CA THR C 78 -13.30 7.98 5.95
C THR C 78 -14.29 9.12 5.94
N LEU C 79 -15.33 8.98 5.12
CA LEU C 79 -16.44 9.93 5.07
C LEU C 79 -17.63 9.35 5.84
N TYR C 80 -18.35 10.22 6.54
CA TYR C 80 -19.52 9.81 7.31
C TYR C 80 -20.74 10.61 6.89
N LEU C 81 -21.90 9.95 6.88
CA LEU C 81 -23.19 10.61 6.70
C LEU C 81 -24.09 10.20 7.86
N GLN C 82 -24.30 11.10 8.82
CA GLN C 82 -25.11 10.83 9.99
C GLN C 82 -26.56 11.22 9.67
N MET C 83 -27.38 10.22 9.38
CA MET C 83 -28.77 10.44 9.00
C MET C 83 -29.66 10.26 10.22
N ASN C 84 -30.33 11.34 10.62
CA ASN C 84 -31.21 11.35 11.78
C ASN C 84 -32.63 11.64 11.37
N SER C 85 -33.58 11.16 12.18
CA SER C 85 -35.01 11.33 11.94
C SER C 85 -35.37 10.95 10.50
N LEU C 86 -35.34 9.64 10.26
CA LEU C 86 -35.52 9.12 8.91
C LEU C 86 -36.99 8.97 8.56
N ARG C 87 -37.29 9.21 7.29
CA ARG C 87 -38.63 9.22 6.72
C ARG C 87 -38.66 8.26 5.54
N PRO C 88 -39.85 7.88 5.07
CA PRO C 88 -39.89 6.92 3.95
C PRO C 88 -39.27 7.46 2.68
N GLU C 89 -39.36 8.77 2.44
CA GLU C 89 -38.77 9.37 1.25
C GLU C 89 -37.25 9.21 1.22
N ASP C 90 -36.63 8.87 2.36
CA ASP C 90 -35.19 8.68 2.42
C ASP C 90 -34.76 7.28 2.01
N THR C 91 -35.70 6.35 1.80
CA THR C 91 -35.34 5.02 1.35
C THR C 91 -34.70 5.11 -0.04
N ALA C 92 -33.44 4.71 -0.12
CA ALA C 92 -32.65 4.88 -1.33
C ALA C 92 -31.33 4.13 -1.18
N VAL C 93 -30.66 3.95 -2.31
CA VAL C 93 -29.27 3.51 -2.32
C VAL C 93 -28.38 4.74 -2.27
N TYR C 94 -27.49 4.77 -1.28
CA TYR C 94 -26.67 5.95 -1.02
C TYR C 94 -25.24 5.72 -1.49
N TYR C 95 -24.78 6.58 -2.39
CA TYR C 95 -23.42 6.54 -2.89
C TYR C 95 -22.59 7.65 -2.27
N CYS C 96 -21.30 7.40 -2.12
CA CYS C 96 -20.33 8.45 -1.82
C CYS C 96 -19.42 8.63 -3.03
N ALA C 97 -19.15 9.88 -3.38
CA ALA C 97 -18.39 10.20 -4.58
C ALA C 97 -17.23 11.14 -4.23
N LYS C 98 -16.18 11.07 -5.05
CA LYS C 98 -15.03 11.94 -4.92
C LYS C 98 -15.14 13.09 -5.92
N ASP C 99 -14.82 14.29 -5.45
CA ASP C 99 -14.81 15.48 -6.29
C ASP C 99 -13.46 15.60 -6.99
N GLN C 100 -13.49 16.12 -8.23
CA GLN C 100 -12.25 16.35 -8.95
C GLN C 100 -11.41 17.43 -8.26
N GLY C 101 -12.07 18.40 -7.63
CA GLY C 101 -11.40 19.41 -6.86
C GLY C 101 -11.69 19.27 -5.38
N PRO C 102 -11.26 20.24 -4.59
CA PRO C 102 -11.39 20.15 -3.14
C PRO C 102 -12.78 20.47 -2.61
N ALA C 103 -13.78 20.55 -3.49
CA ALA C 103 -15.16 20.87 -3.13
C ALA C 103 -15.22 22.12 -2.25
N THR C 104 -14.72 23.20 -2.81
CA THR C 104 -14.73 24.51 -2.17
C THR C 104 -15.73 25.38 -2.92
N VAL C 105 -16.98 25.40 -2.42
CA VAL C 105 -18.11 25.93 -3.17
C VAL C 105 -17.89 27.38 -3.59
N MET C 106 -17.10 28.14 -2.83
CA MET C 106 -16.95 29.56 -3.11
C MET C 106 -15.89 29.86 -4.18
N VAL C 107 -14.91 28.98 -4.37
CA VAL C 107 -13.84 29.28 -5.33
C VAL C 107 -14.39 29.36 -6.76
N THR C 108 -15.34 28.49 -7.09
CA THR C 108 -16.01 28.46 -8.40
C THR C 108 -15.06 28.07 -9.52
N ALA C 109 -13.91 28.74 -9.62
CA ALA C 109 -12.94 28.40 -10.65
C ALA C 109 -12.40 26.98 -10.51
N ILE C 110 -12.51 26.38 -9.33
CA ILE C 110 -11.98 25.04 -9.07
C ILE C 110 -13.10 24.00 -8.92
N ARG C 111 -14.35 24.40 -9.13
CA ARG C 111 -15.48 23.48 -9.03
C ARG C 111 -15.23 22.22 -9.82
N GLY C 112 -15.44 21.07 -9.18
CA GLY C 112 -15.16 19.79 -9.77
C GLY C 112 -16.41 19.02 -10.13
N ALA C 113 -16.19 17.79 -10.58
CA ALA C 113 -17.25 16.86 -10.94
C ALA C 113 -17.05 15.55 -10.20
N MET C 114 -18.08 14.71 -10.23
CA MET C 114 -18.05 13.44 -9.50
C MET C 114 -17.08 12.49 -10.18
N ASP C 115 -15.89 12.36 -9.59
CA ASP C 115 -14.82 11.56 -10.22
C ASP C 115 -15.09 10.07 -10.07
N VAL C 116 -14.92 9.54 -8.86
CA VAL C 116 -15.05 8.12 -8.58
C VAL C 116 -16.19 7.92 -7.58
N TRP C 117 -17.02 6.91 -7.83
CA TRP C 117 -18.16 6.60 -6.99
C TRP C 117 -17.95 5.26 -6.30
N GLY C 118 -18.63 5.08 -5.17
CA GLY C 118 -18.64 3.81 -4.48
C GLY C 118 -19.74 2.90 -5.00
N GLN C 119 -19.77 1.68 -4.46
CA GLN C 119 -20.75 0.70 -4.91
C GLN C 119 -22.16 1.00 -4.37
N GLY C 120 -22.28 1.81 -3.33
CA GLY C 120 -23.58 2.21 -2.83
C GLY C 120 -24.12 1.38 -1.69
N THR C 121 -24.63 2.03 -0.64
CA THR C 121 -25.24 1.34 0.48
C THR C 121 -26.76 1.39 0.35
N THR C 122 -27.40 0.24 0.55
CA THR C 122 -28.85 0.16 0.57
C THR C 122 -29.36 0.60 1.95
N VAL C 123 -30.34 1.51 1.96
CA VAL C 123 -30.95 2.00 3.18
C VAL C 123 -32.46 1.96 3.00
N THR C 124 -33.15 1.28 3.91
CA THR C 124 -34.60 1.12 3.83
C THR C 124 -35.21 1.59 5.14
N VAL C 125 -36.09 2.59 5.07
CA VAL C 125 -36.79 3.12 6.23
C VAL C 125 -38.21 2.58 6.19
N SER C 126 -38.53 1.68 7.12
CA SER C 126 -39.88 1.12 7.18
C SER C 126 -40.11 0.50 8.56
N SER C 127 -41.39 0.42 8.94
CA SER C 127 -41.82 -0.25 10.16
C SER C 127 -42.22 -1.68 9.90
N ALA C 128 -41.54 -2.36 8.97
CA ALA C 128 -41.82 -3.75 8.64
C ALA C 128 -40.85 -4.68 9.37
N SER C 129 -41.34 -5.86 9.72
CA SER C 129 -40.54 -6.86 10.40
C SER C 129 -40.03 -7.89 9.39
N THR C 130 -38.84 -8.41 9.66
CA THR C 130 -38.21 -9.37 8.75
C THR C 130 -39.08 -10.62 8.60
N LYS C 131 -39.34 -10.99 7.35
CA LYS C 131 -40.23 -12.12 7.08
C LYS C 131 -39.77 -12.84 5.82
N GLY C 132 -39.85 -14.17 5.86
CA GLY C 132 -39.56 -14.99 4.71
C GLY C 132 -40.76 -15.09 3.77
N PRO C 133 -40.50 -15.31 2.49
CA PRO C 133 -41.58 -15.29 1.50
C PRO C 133 -42.29 -16.63 1.38
N SER C 134 -43.49 -16.57 0.81
CA SER C 134 -44.23 -17.75 0.40
C SER C 134 -44.17 -17.87 -1.11
N VAL C 135 -43.93 -19.09 -1.59
CA VAL C 135 -43.71 -19.35 -3.01
C VAL C 135 -44.93 -20.10 -3.53
N PHE C 136 -45.69 -19.47 -4.43
CA PHE C 136 -46.88 -20.07 -5.00
C PHE C 136 -46.68 -20.36 -6.48
N PRO C 137 -47.19 -21.48 -6.98
CA PRO C 137 -46.95 -21.85 -8.38
C PRO C 137 -47.86 -21.09 -9.33
N LEU C 138 -47.31 -20.75 -10.49
CA LEU C 138 -48.07 -20.21 -11.61
C LEU C 138 -48.18 -21.32 -12.63
N ALA C 139 -49.24 -22.13 -12.51
CA ALA C 139 -49.31 -23.39 -13.23
C ALA C 139 -49.57 -23.16 -14.72
N PRO C 140 -48.97 -23.97 -15.59
CA PRO C 140 -49.20 -23.81 -17.02
C PRO C 140 -50.63 -24.15 -17.41
N SER C 141 -51.16 -23.40 -18.37
CA SER C 141 -52.55 -23.56 -18.79
C SER C 141 -52.75 -24.88 -19.54
N SER C 142 -53.92 -25.47 -19.36
CA SER C 142 -54.29 -26.68 -20.07
C SER C 142 -54.38 -26.41 -21.57
N GLY C 148 -47.83 -23.93 -29.14
CA GLY C 148 -46.53 -24.54 -29.32
C GLY C 148 -45.66 -24.49 -28.08
N THR C 149 -45.67 -23.36 -27.38
CA THR C 149 -44.92 -23.17 -26.16
C THR C 149 -45.87 -22.76 -25.04
N ALA C 150 -45.52 -23.16 -23.82
CA ALA C 150 -46.31 -22.83 -22.62
C ALA C 150 -45.44 -22.09 -21.62
N ALA C 151 -46.08 -21.30 -20.77
CA ALA C 151 -45.40 -20.49 -19.78
C ALA C 151 -45.73 -20.98 -18.38
N LEU C 152 -44.74 -20.92 -17.49
CA LEU C 152 -44.92 -21.29 -16.10
C LEU C 152 -43.99 -20.41 -15.26
N GLY C 153 -44.19 -20.43 -13.95
CA GLY C 153 -43.36 -19.61 -13.09
C GLY C 153 -43.74 -19.75 -11.63
N CYS C 154 -43.00 -19.01 -10.80
CA CYS C 154 -43.18 -18.98 -9.36
C CYS C 154 -43.51 -17.57 -8.91
N LEU C 155 -44.36 -17.47 -7.89
CA LEU C 155 -44.76 -16.18 -7.31
C LEU C 155 -44.11 -16.05 -5.94
N VAL C 156 -43.29 -15.02 -5.76
CA VAL C 156 -42.57 -14.78 -4.52
C VAL C 156 -43.21 -13.55 -3.88
N LYS C 157 -44.05 -13.77 -2.88
CA LYS C 157 -44.93 -12.74 -2.33
C LYS C 157 -44.71 -12.60 -0.83
N ASP C 158 -44.75 -11.35 -0.35
CA ASP C 158 -44.76 -11.01 1.07
C ASP C 158 -43.46 -11.45 1.76
N TYR C 159 -42.41 -10.68 1.49
CA TYR C 159 -41.14 -10.83 2.20
C TYR C 159 -40.57 -9.45 2.47
N PHE C 160 -39.56 -9.42 3.34
CA PHE C 160 -38.89 -8.18 3.73
C PHE C 160 -37.63 -8.50 4.51
N PRO C 161 -36.51 -7.79 4.25
CA PRO C 161 -36.41 -6.79 3.18
C PRO C 161 -35.86 -7.37 1.90
N GLU C 162 -35.46 -6.50 0.97
CA GLU C 162 -34.77 -6.94 -0.23
C GLU C 162 -33.41 -7.55 0.15
N PRO C 163 -32.88 -8.43 -0.69
CA PRO C 163 -33.47 -9.00 -1.90
C PRO C 163 -33.70 -10.50 -1.82
N VAL C 164 -34.13 -11.10 -2.93
CA VAL C 164 -34.25 -12.54 -3.06
C VAL C 164 -33.54 -12.96 -4.34
N THR C 165 -33.20 -14.25 -4.41
CA THR C 165 -32.54 -14.83 -5.58
C THR C 165 -33.29 -16.07 -6.01
N VAL C 166 -33.62 -16.15 -7.29
CA VAL C 166 -34.44 -17.23 -7.83
C VAL C 166 -33.68 -17.89 -8.97
N SER C 167 -33.56 -19.21 -8.90
CA SER C 167 -33.01 -20.02 -9.99
C SER C 167 -33.99 -21.13 -10.32
N TRP C 168 -33.75 -21.81 -11.43
CA TRP C 168 -34.64 -22.86 -11.91
C TRP C 168 -33.86 -24.14 -12.13
N ASN C 169 -34.33 -25.24 -11.54
CA ASN C 169 -33.66 -26.54 -11.60
C ASN C 169 -32.21 -26.42 -11.14
N SER C 170 -32.00 -25.63 -10.09
CA SER C 170 -30.67 -25.39 -9.51
C SER C 170 -29.69 -24.83 -10.54
N GLY C 171 -30.19 -24.03 -11.47
CA GLY C 171 -29.35 -23.46 -12.49
C GLY C 171 -29.33 -24.21 -13.81
N ALA C 172 -29.97 -25.37 -13.87
CA ALA C 172 -29.99 -26.14 -15.11
C ALA C 172 -30.89 -25.51 -16.17
N LEU C 173 -31.81 -24.63 -15.77
CA LEU C 173 -32.71 -23.95 -16.68
C LEU C 173 -32.41 -22.46 -16.63
N THR C 174 -31.92 -21.92 -17.75
CA THR C 174 -31.55 -20.51 -17.81
C THR C 174 -32.14 -19.84 -19.05
N SER C 175 -32.34 -20.60 -20.12
CA SER C 175 -32.84 -20.03 -21.36
C SER C 175 -34.30 -19.61 -21.20
N GLY C 176 -34.59 -18.35 -21.54
CA GLY C 176 -35.95 -17.86 -21.47
C GLY C 176 -36.43 -17.53 -20.07
N VAL C 177 -35.53 -17.40 -19.11
CA VAL C 177 -35.88 -17.11 -17.73
C VAL C 177 -35.96 -15.60 -17.56
N HIS C 178 -37.07 -15.13 -16.98
CA HIS C 178 -37.25 -13.72 -16.64
C HIS C 178 -37.68 -13.63 -15.18
N THR C 179 -36.84 -13.03 -14.35
CA THR C 179 -37.17 -12.73 -12.96
C THR C 179 -37.37 -11.23 -12.82
N PHE C 180 -38.60 -10.83 -12.52
CA PHE C 180 -38.96 -9.42 -12.48
C PHE C 180 -38.45 -8.76 -11.20
N PRO C 181 -38.08 -7.48 -11.28
CA PRO C 181 -37.77 -6.74 -10.05
C PRO C 181 -39.01 -6.67 -9.17
N ALA C 182 -38.78 -6.64 -7.86
CA ALA C 182 -39.86 -6.75 -6.91
C ALA C 182 -40.72 -5.49 -6.92
N VAL C 183 -41.95 -5.64 -6.43
CA VAL C 183 -42.89 -4.53 -6.26
C VAL C 183 -43.23 -4.43 -4.78
N LEU C 184 -43.28 -3.19 -4.27
CA LEU C 184 -43.59 -2.94 -2.87
C LEU C 184 -45.10 -2.81 -2.72
N GLN C 185 -45.68 -3.68 -1.89
CA GLN C 185 -47.12 -3.72 -1.70
C GLN C 185 -47.54 -2.74 -0.61
N SER C 186 -48.85 -2.45 -0.57
CA SER C 186 -49.37 -1.49 0.39
C SER C 186 -49.15 -1.95 1.83
N SER C 187 -49.02 -3.26 2.04
CA SER C 187 -48.79 -3.79 3.38
C SER C 187 -47.41 -3.43 3.91
N GLY C 188 -46.47 -3.06 3.04
CA GLY C 188 -45.10 -2.83 3.42
C GLY C 188 -44.14 -3.95 3.05
N LEU C 189 -44.65 -5.04 2.48
CA LEU C 189 -43.83 -6.17 2.04
C LEU C 189 -43.67 -6.15 0.53
N TYR C 190 -42.69 -6.90 0.05
CA TYR C 190 -42.36 -6.94 -1.37
C TYR C 190 -43.01 -8.15 -2.05
N SER C 191 -43.22 -8.03 -3.35
CA SER C 191 -43.77 -9.11 -4.17
C SER C 191 -42.98 -9.19 -5.46
N LEU C 192 -42.77 -10.42 -5.95
CA LEU C 192 -41.92 -10.64 -7.11
C LEU C 192 -42.41 -11.89 -7.85
N SER C 193 -42.11 -11.93 -9.15
CA SER C 193 -42.45 -13.08 -10.00
C SER C 193 -41.25 -13.47 -10.83
N SER C 194 -41.14 -14.78 -11.09
CA SER C 194 -40.06 -15.33 -11.92
C SER C 194 -40.66 -16.39 -12.83
N VAL C 195 -40.57 -16.18 -14.14
CA VAL C 195 -41.22 -17.03 -15.13
C VAL C 195 -40.18 -17.62 -16.06
N VAL C 196 -40.63 -18.55 -16.90
CA VAL C 196 -39.79 -19.16 -17.92
C VAL C 196 -40.70 -19.80 -18.97
N THR C 197 -40.30 -19.71 -20.23
CA THR C 197 -41.05 -20.28 -21.34
C THR C 197 -40.43 -21.59 -21.77
N VAL C 198 -41.27 -22.60 -22.00
CA VAL C 198 -40.81 -23.94 -22.34
C VAL C 198 -41.73 -24.52 -23.41
N PRO C 199 -41.23 -25.48 -24.19
CA PRO C 199 -42.08 -26.11 -25.20
C PRO C 199 -43.21 -26.91 -24.57
N SER C 200 -44.38 -26.86 -25.20
CA SER C 200 -45.57 -27.52 -24.67
C SER C 200 -45.39 -29.03 -24.56
N SER C 201 -44.48 -29.62 -25.33
CA SER C 201 -44.31 -31.06 -25.36
C SER C 201 -43.53 -31.60 -24.17
N SER C 202 -43.00 -30.74 -23.30
CA SER C 202 -42.19 -31.18 -22.17
C SER C 202 -42.85 -30.94 -20.82
N LEU C 203 -44.12 -30.51 -20.81
CA LEU C 203 -44.82 -30.27 -19.55
C LEU C 203 -45.12 -31.54 -18.78
N GLY C 204 -45.00 -32.71 -19.42
CA GLY C 204 -45.27 -33.95 -18.73
C GLY C 204 -44.03 -34.77 -18.48
N THR C 205 -42.90 -34.33 -19.03
CA THR C 205 -41.66 -35.10 -18.96
C THR C 205 -40.55 -34.42 -18.17
N GLN C 206 -40.56 -33.10 -18.03
CA GLN C 206 -39.51 -32.38 -17.32
C GLN C 206 -40.07 -31.78 -16.05
N THR C 207 -39.44 -32.07 -14.92
CA THR C 207 -39.83 -31.51 -13.64
C THR C 207 -39.22 -30.12 -13.49
N TYR C 208 -40.08 -29.11 -13.28
CA TYR C 208 -39.66 -27.73 -13.14
C TYR C 208 -39.77 -27.31 -11.68
N ILE C 209 -38.67 -26.84 -11.11
CA ILE C 209 -38.63 -26.42 -9.71
C ILE C 209 -37.82 -25.13 -9.63
N CYS C 210 -38.41 -24.08 -9.05
CA CYS C 210 -37.70 -22.83 -8.82
C CYS C 210 -37.07 -22.84 -7.43
N ASN C 211 -35.92 -22.18 -7.33
CA ASN C 211 -35.12 -22.17 -6.09
C ASN C 211 -35.01 -20.74 -5.59
N VAL C 212 -35.88 -20.38 -4.64
CA VAL C 212 -35.89 -19.04 -4.07
C VAL C 212 -35.00 -19.03 -2.83
N ASN C 213 -34.15 -18.02 -2.72
CA ASN C 213 -33.24 -17.87 -1.59
C ASN C 213 -33.35 -16.45 -1.06
N HIS C 214 -33.74 -16.32 0.20
CA HIS C 214 -33.88 -15.02 0.87
C HIS C 214 -33.01 -15.06 2.14
N LYS C 215 -31.79 -14.56 2.02
CA LYS C 215 -30.84 -14.62 3.13
C LYS C 215 -31.26 -13.85 4.38
N PRO C 216 -31.94 -12.69 4.30
CA PRO C 216 -32.32 -12.00 5.56
C PRO C 216 -33.15 -12.84 6.52
N SER C 217 -33.91 -13.81 6.02
CA SER C 217 -34.73 -14.66 6.89
C SER C 217 -34.19 -16.09 6.98
N ASN C 218 -33.00 -16.35 6.44
CA ASN C 218 -32.39 -17.68 6.45
C ASN C 218 -33.31 -18.70 5.77
N THR C 219 -33.96 -18.28 4.69
CA THR C 219 -34.98 -19.07 4.03
C THR C 219 -34.52 -19.46 2.63
N LYS C 220 -34.58 -20.75 2.32
CA LYS C 220 -34.37 -21.26 0.97
C LYS C 220 -35.47 -22.27 0.68
N VAL C 221 -36.22 -22.04 -0.39
CA VAL C 221 -37.41 -22.83 -0.70
C VAL C 221 -37.31 -23.34 -2.13
N ASP C 222 -37.69 -24.61 -2.33
CA ASP C 222 -37.84 -25.20 -3.65
C ASP C 222 -39.30 -25.61 -3.84
N LYS C 223 -39.90 -25.15 -4.93
CA LYS C 223 -41.32 -25.36 -5.18
C LYS C 223 -41.48 -26.05 -6.53
N LYS C 224 -42.16 -27.19 -6.54
CA LYS C 224 -42.41 -27.93 -7.78
C LYS C 224 -43.65 -27.36 -8.47
N VAL C 225 -43.46 -26.83 -9.67
CA VAL C 225 -44.57 -26.31 -10.48
C VAL C 225 -45.00 -27.39 -11.45
N GLU C 226 -46.24 -27.82 -11.34
CA GLU C 226 -46.80 -28.88 -12.17
C GLU C 226 -48.00 -28.36 -12.94
N PRO C 227 -48.34 -28.99 -14.08
CA PRO C 227 -49.55 -28.59 -14.79
C PRO C 227 -50.78 -28.99 -13.99
N LYS C 228 -51.71 -28.05 -13.84
CA LYS C 228 -52.97 -28.34 -13.18
C LYS C 228 -53.67 -29.51 -13.86
N SER C 229 -53.53 -30.70 -13.27
CA SER C 229 -54.21 -31.89 -13.78
C SER C 229 -55.71 -31.72 -13.63
N CYS C 230 -56.37 -31.29 -14.72
CA CYS C 230 -57.82 -31.13 -14.70
C CYS C 230 -58.54 -32.31 -15.36
N ASP C 231 -57.99 -33.52 -15.17
CA ASP C 231 -58.51 -34.73 -15.80
C ASP C 231 -58.48 -35.87 -14.77
N LYS C 232 -59.67 -36.32 -14.38
CA LYS C 232 -59.82 -37.60 -13.68
C LYS C 232 -61.14 -38.21 -14.15
N VAL D 2 33.94 4.33 -9.21
CA VAL D 2 33.43 4.00 -7.89
C VAL D 2 34.58 3.66 -6.94
N GLN D 3 34.76 4.49 -5.91
CA GLN D 3 35.81 4.28 -4.92
C GLN D 3 35.66 5.28 -3.77
N LEU D 4 35.52 4.77 -2.55
CA LEU D 4 35.51 5.61 -1.35
C LEU D 4 36.69 5.25 -0.48
N VAL D 5 37.28 6.25 0.17
CA VAL D 5 38.46 6.08 1.00
C VAL D 5 38.23 6.79 2.32
N GLN D 6 38.30 6.05 3.43
CA GLN D 6 38.10 6.60 4.76
C GLN D 6 39.44 7.02 5.38
N SER D 7 39.37 7.50 6.61
CA SER D 7 40.55 7.90 7.35
C SER D 7 41.08 6.72 8.16
N GLY D 8 42.28 6.90 8.72
CA GLY D 8 42.89 5.85 9.50
C GLY D 8 42.31 5.77 10.90
N ALA D 9 42.57 4.63 11.55
CA ALA D 9 42.06 4.38 12.89
C ALA D 9 42.46 5.51 13.83
N GLU D 10 41.60 5.79 14.81
CA GLU D 10 41.81 6.87 15.76
C GLU D 10 41.78 6.32 17.18
N VAL D 11 42.37 7.09 18.09
CA VAL D 11 42.28 6.81 19.52
C VAL D 11 42.21 8.15 20.25
N LYS D 12 41.15 8.35 21.04
CA LYS D 12 40.92 9.61 21.72
C LYS D 12 40.47 9.35 23.14
N LYS D 13 40.71 10.32 24.01
CA LYS D 13 40.18 10.27 25.36
C LYS D 13 38.72 10.72 25.36
N PRO D 14 37.91 10.22 26.29
CA PRO D 14 36.51 10.65 26.35
C PRO D 14 36.40 12.16 26.55
N GLY D 15 35.43 12.76 25.84
CA GLY D 15 35.27 14.19 25.84
C GLY D 15 36.01 14.92 24.74
N GLU D 16 37.00 14.27 24.11
CA GLU D 16 37.72 14.89 23.01
C GLU D 16 36.90 14.87 21.73
N SER D 17 37.12 15.88 20.89
CA SER D 17 36.44 15.95 19.61
C SER D 17 37.16 15.08 18.59
N LEU D 18 36.42 14.68 17.56
CA LEU D 18 36.96 13.83 16.51
C LEU D 18 36.13 14.01 15.25
N ARG D 19 36.80 13.94 14.10
CA ARG D 19 36.10 13.91 12.82
C ARG D 19 36.85 13.00 11.86
N ILE D 20 36.18 11.96 11.38
CA ILE D 20 36.74 11.06 10.39
C ILE D 20 36.22 11.48 9.02
N SER D 21 36.97 11.10 7.99
CA SER D 21 36.69 11.51 6.61
C SER D 21 36.39 10.29 5.74
N CYS D 22 35.85 10.55 4.55
CA CYS D 22 35.52 9.50 3.59
C CYS D 22 35.30 10.16 2.24
N LYS D 23 36.29 10.03 1.35
CA LYS D 23 36.27 10.65 0.02
C LYS D 23 35.77 9.67 -1.02
N GLY D 24 34.90 10.16 -1.91
CA GLY D 24 34.33 9.34 -2.96
C GLY D 24 34.78 9.76 -4.35
N SER D 25 34.49 8.90 -5.32
CA SER D 25 34.85 9.15 -6.71
C SER D 25 34.04 8.23 -7.61
N GLY D 26 33.92 8.64 -8.87
CA GLY D 26 33.17 7.87 -9.84
C GLY D 26 31.68 7.85 -9.61
N HIS D 27 31.12 8.91 -9.03
CA HIS D 27 29.69 8.93 -8.74
C HIS D 27 28.90 9.25 -10.00
N ASN D 28 27.67 8.72 -10.04
CA ASN D 28 26.76 8.93 -11.16
C ASN D 28 26.62 10.41 -11.48
N SER D 29 26.39 11.23 -10.47
CA SER D 29 26.05 12.64 -10.64
C SER D 29 26.39 13.35 -9.33
N PRO D 30 26.31 14.68 -9.22
CA PRO D 30 26.67 15.34 -7.95
C PRO D 30 25.73 14.99 -6.81
N SER D 31 24.62 14.30 -7.08
CA SER D 31 23.53 14.09 -6.13
C SER D 31 23.45 12.61 -5.78
N TYR D 32 24.30 12.18 -4.86
CA TYR D 32 24.30 10.80 -4.41
C TYR D 32 23.80 10.72 -2.96
N TRP D 33 24.24 9.70 -2.23
CA TRP D 33 23.66 9.36 -0.93
C TRP D 33 24.65 8.60 -0.07
N ILE D 34 25.73 9.26 0.35
CA ILE D 34 26.70 8.60 1.20
C ILE D 34 26.14 8.52 2.62
N SER D 35 26.34 7.39 3.28
CA SER D 35 25.74 7.13 4.58
C SER D 35 26.75 6.49 5.52
N TRP D 36 26.67 6.87 6.79
CA TRP D 36 27.53 6.34 7.83
C TRP D 36 26.84 5.22 8.58
N VAL D 37 27.60 4.20 8.96
CA VAL D 37 27.09 3.02 9.64
C VAL D 37 28.04 2.64 10.76
N ARG D 38 27.51 2.39 11.95
CA ARG D 38 28.29 2.02 13.12
C ARG D 38 28.26 0.51 13.34
N GLN D 39 29.38 -0.02 13.84
CA GLN D 39 29.52 -1.44 14.12
C GLN D 39 30.40 -1.61 15.36
N MET D 40 29.78 -1.91 16.49
CA MET D 40 30.48 -2.15 17.73
C MET D 40 31.16 -3.53 17.70
N PRO D 41 32.23 -3.72 18.52
CA PRO D 41 33.05 -4.94 18.45
C PRO D 41 32.32 -6.23 18.09
N GLY D 42 31.25 -6.54 18.81
CA GLY D 42 30.50 -7.76 18.54
C GLY D 42 29.03 -7.52 18.33
N LYS D 43 28.65 -6.28 18.01
CA LYS D 43 27.25 -5.92 17.81
C LYS D 43 26.83 -6.21 16.38
N GLY D 44 25.88 -5.43 15.87
CA GLY D 44 25.46 -5.52 14.48
C GLY D 44 25.50 -4.17 13.79
N LEU D 45 24.88 -4.08 12.61
CA LEU D 45 24.92 -2.86 11.82
C LEU D 45 23.79 -1.92 12.24
N GLU D 46 24.10 -0.63 12.29
CA GLU D 46 23.14 0.40 12.68
C GLU D 46 23.39 1.66 11.86
N TRP D 47 22.38 2.08 11.11
CA TRP D 47 22.49 3.25 10.26
C TRP D 47 22.47 4.53 11.10
N MET D 48 23.16 5.55 10.60
CA MET D 48 23.34 6.78 11.36
C MET D 48 22.84 8.02 10.63
N GLY D 49 23.32 8.27 9.42
CA GLY D 49 22.89 9.45 8.67
C GLY D 49 23.29 9.33 7.22
N ARG D 50 22.91 10.35 6.44
CA ARG D 50 23.24 10.39 5.02
C ARG D 50 23.07 11.80 4.49
N ILE D 51 23.89 12.14 3.48
CA ILE D 51 23.93 13.48 2.90
C ILE D 51 23.94 13.38 1.38
N ASP D 52 23.36 14.39 0.74
CA ASP D 52 23.54 14.63 -0.69
C ASP D 52 24.52 15.79 -0.83
N PRO D 53 25.83 15.51 -0.91
CA PRO D 53 26.86 16.57 -0.95
C PRO D 53 26.49 17.86 -1.66
N SER D 54 25.98 17.77 -2.89
CA SER D 54 25.59 18.95 -3.64
C SER D 54 24.62 19.82 -2.85
N ASP D 55 23.63 19.18 -2.22
CA ASP D 55 22.63 19.87 -1.43
C ASP D 55 22.97 19.93 0.05
N SER D 56 23.84 19.03 0.53
CA SER D 56 24.22 18.95 1.94
C SER D 56 22.98 18.87 2.84
N TYR D 57 22.10 17.93 2.52
CA TYR D 57 20.86 17.72 3.26
C TYR D 57 20.97 16.41 4.02
N THR D 58 21.03 16.50 5.35
CA THR D 58 21.20 15.35 6.22
C THR D 58 19.84 14.69 6.48
N ASN D 59 19.90 13.51 7.10
CA ASN D 59 18.71 12.80 7.54
C ASN D 59 19.08 11.91 8.73
N TYR D 60 19.58 12.53 9.79
CA TYR D 60 20.09 11.80 10.95
C TYR D 60 19.06 10.81 11.47
N SER D 61 19.56 9.67 11.95
CA SER D 61 18.70 8.66 12.52
C SER D 61 18.20 9.10 13.89
N PRO D 62 16.97 8.73 14.27
CA PRO D 62 16.42 9.21 15.56
C PRO D 62 17.27 8.86 16.76
N SER D 63 17.92 7.70 16.75
CA SER D 63 18.79 7.30 17.84
C SER D 63 20.17 7.96 17.79
N PHE D 64 20.44 8.77 16.77
CA PHE D 64 21.74 9.39 16.62
C PHE D 64 21.68 10.90 16.36
N GLN D 65 20.47 11.49 16.29
CA GLN D 65 20.32 12.86 15.84
C GLN D 65 21.16 13.81 16.68
N GLY D 66 20.91 13.84 17.99
CA GLY D 66 21.64 14.74 18.86
C GLY D 66 22.86 14.08 19.47
N HIS D 67 23.88 13.85 18.64
CA HIS D 67 25.09 13.17 19.09
C HIS D 67 26.25 13.43 18.16
N VAL D 68 26.10 13.07 16.87
CA VAL D 68 27.11 13.33 15.86
C VAL D 68 26.56 14.29 14.82
N THR D 69 27.47 15.03 14.19
CA THR D 69 27.13 15.92 13.09
C THR D 69 27.89 15.46 11.85
N ILE D 70 27.18 15.35 10.73
CA ILE D 70 27.76 14.91 9.47
C ILE D 70 27.80 16.10 8.52
N SER D 71 28.96 16.35 7.94
CA SER D 71 29.17 17.45 7.00
C SER D 71 29.79 16.91 5.72
N ALA D 72 29.93 17.79 4.74
CA ALA D 72 30.48 17.38 3.45
C ALA D 72 31.00 18.59 2.72
N ASP D 73 31.97 18.34 1.84
CA ASP D 73 32.59 19.37 1.00
C ASP D 73 32.69 18.80 -0.41
N LYS D 74 31.79 19.23 -1.30
CA LYS D 74 31.73 18.63 -2.62
C LYS D 74 32.92 19.00 -3.49
N SER D 75 33.66 20.05 -3.13
CA SER D 75 34.88 20.37 -3.86
C SER D 75 35.86 19.20 -3.83
N ILE D 76 36.03 18.57 -2.67
CA ILE D 76 36.86 17.38 -2.53
C ILE D 76 36.04 16.10 -2.54
N SER D 77 34.73 16.19 -2.74
CA SER D 77 33.84 15.04 -2.80
C SER D 77 34.05 14.13 -1.59
N THR D 78 34.11 14.75 -0.42
CA THR D 78 34.46 14.09 0.82
C THR D 78 33.34 14.25 1.83
N ALA D 79 33.03 13.17 2.55
CA ALA D 79 32.02 13.17 3.60
C ALA D 79 32.70 13.07 4.96
N TYR D 80 32.08 13.69 5.96
CA TYR D 80 32.65 13.78 7.29
C TYR D 80 31.66 13.33 8.35
N LEU D 81 32.19 12.78 9.44
CA LEU D 81 31.42 12.38 10.60
C LEU D 81 32.16 12.88 11.84
N GLN D 82 31.48 13.65 12.68
CA GLN D 82 32.14 14.41 13.73
C GLN D 82 31.44 14.21 15.07
N TRP D 83 32.24 14.09 16.13
CA TRP D 83 31.76 14.05 17.51
C TRP D 83 32.20 15.32 18.23
N SER D 84 31.25 16.00 18.87
CA SER D 84 31.59 17.15 19.69
C SER D 84 32.21 16.72 21.01
N SER D 85 31.68 15.64 21.60
CA SER D 85 32.22 15.08 22.83
C SER D 85 32.13 13.57 22.77
N LEU D 86 33.29 12.91 22.83
CA LEU D 86 33.32 11.46 22.72
C LEU D 86 33.10 10.80 24.07
N GLN D 87 32.45 9.65 24.05
CA GLN D 87 32.28 8.81 25.23
C GLN D 87 32.72 7.39 24.88
N ALA D 88 32.94 6.60 25.93
CA ALA D 88 33.44 5.24 25.74
C ALA D 88 32.48 4.40 24.91
N SER D 89 31.18 4.70 24.98
CA SER D 89 30.20 3.96 24.20
C SER D 89 30.39 4.13 22.70
N ASP D 90 31.07 5.20 22.27
CA ASP D 90 31.28 5.44 20.86
C ASP D 90 32.36 4.54 20.25
N THR D 91 33.06 3.76 21.06
CA THR D 91 34.10 2.85 20.57
C THR D 91 33.49 1.81 19.65
N ALA D 92 33.76 1.91 18.35
CA ALA D 92 33.19 0.99 17.37
C ALA D 92 33.93 1.18 16.05
N ILE D 93 33.50 0.42 15.04
CA ILE D 93 33.99 0.55 13.67
C ILE D 93 32.94 1.34 12.87
N TYR D 94 33.41 2.28 12.05
CA TYR D 94 32.54 3.20 11.34
C TYR D 94 32.82 3.11 9.85
N TYR D 95 31.83 2.67 9.09
CA TYR D 95 31.89 2.56 7.64
C TYR D 95 31.08 3.67 6.98
N CYS D 96 31.49 4.06 5.78
CA CYS D 96 30.70 4.91 4.90
C CYS D 96 30.32 4.11 3.67
N ALA D 97 29.03 4.18 3.30
CA ALA D 97 28.52 3.51 2.11
C ALA D 97 27.81 4.50 1.22
N ARG D 98 27.77 4.20 -0.08
CA ARG D 98 27.18 5.09 -1.06
C ARG D 98 25.92 4.47 -1.64
N HIS D 99 25.06 5.33 -2.19
CA HIS D 99 23.76 4.92 -2.73
C HIS D 99 23.44 5.84 -3.92
N VAL D 100 23.91 5.47 -5.11
CA VAL D 100 23.66 6.29 -6.29
C VAL D 100 22.22 6.10 -6.78
N VAL D 101 21.75 7.08 -7.54
CA VAL D 101 20.40 7.08 -8.11
C VAL D 101 20.48 6.59 -9.55
N ALA D 102 19.49 5.80 -9.95
CA ALA D 102 19.45 5.24 -11.30
C ALA D 102 18.03 5.40 -11.88
N LEU D 103 17.57 6.65 -11.95
CA LEU D 103 16.25 7.00 -12.45
C LEU D 103 15.13 6.24 -11.76
N THR D 104 14.97 4.96 -12.10
CA THR D 104 13.84 4.19 -11.60
C THR D 104 13.92 3.94 -10.10
N HIS D 105 15.12 3.81 -9.56
CA HIS D 105 15.28 3.37 -8.17
C HIS D 105 16.66 3.75 -7.67
N LEU D 106 16.98 3.29 -6.45
CA LEU D 106 18.29 3.49 -5.83
C LEU D 106 19.14 2.23 -5.97
N TYR D 107 20.44 2.40 -5.79
CA TYR D 107 21.41 1.32 -5.98
C TYR D 107 22.64 1.58 -5.13
N PRO D 108 22.88 0.77 -4.10
CA PRO D 108 24.12 0.93 -3.31
C PRO D 108 25.31 0.31 -4.02
N ASP D 109 26.38 1.10 -4.17
CA ASP D 109 27.59 0.56 -4.78
C ASP D 109 28.67 0.30 -3.73
N TYR D 110 29.75 1.08 -3.75
CA TYR D 110 30.92 0.76 -2.94
C TYR D 110 30.63 0.91 -1.44
N TRP D 111 31.42 0.20 -0.64
CA TRP D 111 31.28 0.15 0.81
C TRP D 111 32.64 0.44 1.43
N GLY D 112 32.71 1.43 2.32
CA GLY D 112 33.98 1.80 2.88
C GLY D 112 34.62 0.66 3.65
N GLN D 113 35.96 0.69 3.72
CA GLN D 113 36.69 -0.32 4.49
C GLN D 113 36.53 -0.09 5.99
N GLY D 114 36.17 1.11 6.41
CA GLY D 114 35.86 1.39 7.79
C GLY D 114 37.02 2.02 8.53
N THR D 115 36.68 2.72 9.61
CA THR D 115 37.64 3.36 10.49
C THR D 115 37.34 2.93 11.92
N LEU D 116 38.33 2.37 12.60
CA LEU D 116 38.18 1.92 13.98
C LEU D 116 38.41 3.08 14.93
N VAL D 117 37.48 3.29 15.85
CA VAL D 117 37.56 4.35 16.84
C VAL D 117 37.57 3.71 18.22
N THR D 118 38.50 4.15 19.07
CA THR D 118 38.67 3.60 20.41
C THR D 118 38.69 4.77 21.40
N VAL D 119 37.59 4.97 22.12
CA VAL D 119 37.49 6.04 23.10
C VAL D 119 37.84 5.47 24.47
N SER D 120 39.01 5.84 24.98
CA SER D 120 39.47 5.36 26.28
C SER D 120 40.43 6.38 26.87
N SER D 121 40.36 6.53 28.19
CA SER D 121 41.24 7.45 28.91
C SER D 121 42.48 6.75 29.46
N ALA D 122 42.83 5.60 28.91
CA ALA D 122 43.95 4.82 29.44
C ALA D 122 45.23 5.16 28.68
N SER D 123 46.23 4.29 28.74
CA SER D 123 47.48 4.45 28.01
C SER D 123 48.08 3.07 27.78
N THR D 124 49.36 3.02 27.44
CA THR D 124 50.03 1.77 27.13
C THR D 124 50.36 1.02 28.41
N LYS D 125 49.79 -0.18 28.57
CA LYS D 125 50.01 -0.99 29.77
C LYS D 125 50.07 -2.46 29.39
N GLY D 126 51.02 -3.18 30.00
CA GLY D 126 51.15 -4.61 29.81
C GLY D 126 50.25 -5.40 30.72
N PRO D 127 49.91 -6.62 30.31
CA PRO D 127 48.92 -7.40 31.06
C PRO D 127 49.51 -8.18 32.21
N SER D 128 48.71 -8.30 33.27
CA SER D 128 48.99 -9.26 34.33
C SER D 128 48.47 -10.64 33.93
N VAL D 129 49.18 -11.67 34.33
CA VAL D 129 48.86 -13.04 33.93
C VAL D 129 48.68 -13.87 35.21
N PHE D 130 47.44 -14.26 35.49
CA PHE D 130 47.05 -15.05 36.65
C PHE D 130 46.66 -16.46 36.23
N PRO D 131 46.86 -17.46 37.09
CA PRO D 131 46.59 -18.84 36.68
C PRO D 131 45.12 -19.22 36.89
N LEU D 132 44.59 -19.98 35.91
CA LEU D 132 43.31 -20.65 36.06
C LEU D 132 43.60 -22.12 36.37
N ALA D 133 43.80 -22.41 37.65
CA ALA D 133 44.30 -23.71 38.07
C ALA D 133 43.27 -24.80 37.78
N PRO D 134 43.72 -26.04 37.52
CA PRO D 134 42.78 -27.14 37.32
C PRO D 134 42.17 -27.61 38.63
N SER D 135 40.89 -27.96 38.56
CA SER D 135 40.17 -28.41 39.74
C SER D 135 40.67 -29.76 40.20
N SER D 136 40.66 -29.96 41.52
CA SER D 136 41.09 -31.23 42.09
C SER D 136 40.12 -32.37 41.78
N LYS D 137 38.90 -32.04 41.35
CA LYS D 137 37.91 -33.05 41.00
C LYS D 137 38.07 -33.47 39.54
N GLY D 142 37.58 -37.41 33.17
CA GLY D 142 38.72 -37.92 32.44
C GLY D 142 39.67 -36.83 31.97
N THR D 143 39.12 -35.64 31.72
CA THR D 143 39.89 -34.51 31.26
C THR D 143 39.63 -33.30 32.14
N ALA D 144 40.67 -32.54 32.44
CA ALA D 144 40.59 -31.34 33.26
C ALA D 144 40.90 -30.11 32.41
N ALA D 145 40.55 -28.95 32.95
CA ALA D 145 40.68 -27.67 32.24
C ALA D 145 41.49 -26.69 33.07
N LEU D 146 42.52 -26.11 32.47
CA LEU D 146 43.32 -25.05 33.06
C LEU D 146 43.51 -23.94 32.04
N GLY D 147 44.06 -22.82 32.49
CA GLY D 147 44.26 -21.71 31.58
C GLY D 147 44.92 -20.54 32.26
N CYS D 148 44.90 -19.40 31.55
CA CYS D 148 45.50 -18.16 32.02
C CYS D 148 44.54 -17.01 31.78
N LEU D 149 44.71 -15.94 32.56
CA LEU D 149 43.87 -14.74 32.47
C LEU D 149 44.76 -13.57 32.11
N VAL D 150 44.55 -13.02 30.91
CA VAL D 150 45.33 -11.88 30.42
C VAL D 150 44.49 -10.64 30.70
N LYS D 151 44.69 -10.05 31.86
CA LYS D 151 43.83 -8.99 32.37
C LYS D 151 44.56 -7.66 32.42
N ASP D 152 43.80 -6.58 32.17
CA ASP D 152 44.26 -5.21 32.32
C ASP D 152 45.48 -4.91 31.44
N TYR D 153 45.25 -4.72 30.15
CA TYR D 153 46.29 -4.29 29.23
C TYR D 153 45.68 -3.35 28.19
N PHE D 154 46.54 -2.53 27.59
CA PHE D 154 46.10 -1.60 26.56
C PHE D 154 47.31 -1.17 25.75
N PRO D 155 47.22 -1.11 24.42
CA PRO D 155 46.04 -1.50 23.65
C PRO D 155 46.15 -2.90 23.04
N GLU D 156 45.30 -3.18 22.06
CA GLU D 156 45.34 -4.46 21.36
C GLU D 156 46.58 -4.52 20.46
N PRO D 157 47.08 -5.73 20.16
CA PRO D 157 46.64 -7.04 20.66
C PRO D 157 47.66 -7.78 21.50
N VAL D 158 47.25 -8.91 22.07
CA VAL D 158 48.14 -9.83 22.76
C VAL D 158 48.08 -11.17 22.04
N THR D 159 49.18 -11.93 22.14
CA THR D 159 49.27 -13.26 21.55
C THR D 159 49.66 -14.25 22.64
N VAL D 160 48.91 -15.34 22.73
CA VAL D 160 49.06 -16.33 23.79
C VAL D 160 49.44 -17.67 23.17
N SER D 161 50.49 -18.28 23.70
CA SER D 161 50.92 -19.61 23.30
C SER D 161 51.16 -20.46 24.54
N TRP D 162 51.13 -21.78 24.35
CA TRP D 162 51.30 -22.73 25.44
C TRP D 162 52.53 -23.60 25.17
N ASN D 163 53.43 -23.65 26.15
CA ASN D 163 54.65 -24.45 26.07
C ASN D 163 55.49 -24.06 24.85
N SER D 164 55.54 -22.76 24.56
CA SER D 164 56.32 -22.21 23.44
C SER D 164 55.89 -22.81 22.11
N GLY D 165 54.63 -23.20 22.00
CA GLY D 165 54.10 -23.77 20.78
C GLY D 165 53.96 -25.28 20.76
N ALA D 166 54.32 -25.96 21.85
CA ALA D 166 54.24 -27.42 21.90
C ALA D 166 52.87 -27.94 22.27
N LEU D 167 51.95 -27.06 22.70
CA LEU D 167 50.59 -27.44 23.08
C LEU D 167 49.62 -26.59 22.27
N THR D 168 49.22 -27.11 21.10
CA THR D 168 48.23 -26.45 20.26
C THR D 168 46.89 -27.15 20.22
N SER D 169 46.85 -28.43 20.58
CA SER D 169 45.62 -29.20 20.51
C SER D 169 44.68 -28.80 21.65
N GLY D 170 43.52 -28.27 21.29
CA GLY D 170 42.48 -27.96 22.27
C GLY D 170 42.55 -26.58 22.88
N VAL D 171 43.38 -25.69 22.36
CA VAL D 171 43.54 -24.36 22.93
C VAL D 171 42.48 -23.43 22.35
N HIS D 172 41.82 -22.67 23.22
CA HIS D 172 40.82 -21.68 22.83
C HIS D 172 41.21 -20.34 23.44
N THR D 173 41.92 -19.50 22.67
CA THR D 173 42.25 -18.15 23.10
C THR D 173 41.10 -17.23 22.73
N PHE D 174 40.31 -16.84 23.73
CA PHE D 174 39.12 -16.05 23.49
C PHE D 174 39.48 -14.65 23.02
N PRO D 175 38.66 -14.05 22.15
CA PRO D 175 38.85 -12.63 21.84
C PRO D 175 38.61 -11.78 23.06
N ALA D 176 39.38 -10.69 23.16
CA ALA D 176 39.37 -9.89 24.37
C ALA D 176 38.07 -9.10 24.50
N VAL D 177 37.81 -8.65 25.72
CA VAL D 177 36.67 -7.80 26.02
C VAL D 177 37.18 -6.53 26.68
N LEU D 178 36.48 -5.42 26.42
CA LEU D 178 36.83 -4.12 26.98
C LEU D 178 36.05 -3.91 28.26
N GLN D 179 36.74 -3.92 29.39
CA GLN D 179 36.10 -3.70 30.68
C GLN D 179 35.63 -2.25 30.80
N SER D 180 35.00 -1.96 31.93
CA SER D 180 34.58 -0.58 32.20
C SER D 180 35.79 0.32 32.43
N SER D 181 36.91 -0.24 32.85
CA SER D 181 38.11 0.53 33.16
C SER D 181 38.88 0.97 31.92
N GLY D 182 38.35 0.74 30.73
CA GLY D 182 39.05 1.08 29.51
C GLY D 182 40.21 0.18 29.16
N LEU D 183 40.48 -0.85 29.96
CA LEU D 183 41.54 -1.80 29.70
C LEU D 183 40.95 -3.12 29.20
N TYR D 184 41.74 -3.84 28.40
CA TYR D 184 41.29 -5.08 27.80
C TYR D 184 41.60 -6.28 28.70
N SER D 185 40.69 -7.25 28.72
CA SER D 185 40.86 -8.50 29.45
C SER D 185 40.67 -9.67 28.49
N LEU D 186 41.53 -10.68 28.63
CA LEU D 186 41.52 -11.83 27.73
C LEU D 186 41.77 -13.09 28.55
N SER D 187 41.16 -14.19 28.11
CA SER D 187 41.33 -15.49 28.76
C SER D 187 41.68 -16.53 27.71
N SER D 188 42.60 -17.43 28.06
CA SER D 188 43.03 -18.52 27.19
C SER D 188 43.07 -19.80 28.01
N VAL D 189 42.34 -20.82 27.58
CA VAL D 189 42.20 -22.06 28.31
C VAL D 189 42.67 -23.22 27.43
N VAL D 190 42.83 -24.39 28.06
CA VAL D 190 43.22 -25.61 27.37
C VAL D 190 42.77 -26.81 28.21
N THR D 191 42.17 -27.79 27.57
CA THR D 191 41.72 -29.01 28.23
C THR D 191 42.74 -30.12 27.97
N VAL D 192 43.19 -30.76 29.05
CA VAL D 192 44.21 -31.79 28.97
C VAL D 192 43.73 -33.01 29.75
N PRO D 193 44.32 -34.18 29.50
CA PRO D 193 44.00 -35.35 30.34
C PRO D 193 44.34 -35.08 31.80
N SER D 194 43.41 -35.44 32.69
CA SER D 194 43.59 -35.16 34.11
C SER D 194 44.80 -35.89 34.69
N SER D 195 45.25 -36.97 34.06
CA SER D 195 46.40 -37.72 34.56
C SER D 195 47.73 -36.99 34.34
N SER D 196 47.75 -35.95 33.50
CA SER D 196 48.97 -35.21 33.21
C SER D 196 49.13 -33.97 34.06
N LEU D 197 48.20 -33.72 35.00
CA LEU D 197 48.28 -32.54 35.85
C LEU D 197 49.44 -32.59 36.83
N GLY D 198 50.05 -33.75 37.04
CA GLY D 198 51.15 -33.86 37.98
C GLY D 198 52.46 -34.21 37.31
N THR D 199 52.42 -34.50 36.01
CA THR D 199 53.61 -34.90 35.27
C THR D 199 53.91 -34.03 34.06
N GLN D 200 53.05 -33.07 33.73
CA GLN D 200 53.27 -32.18 32.60
C GLN D 200 53.06 -30.74 33.06
N THR D 201 54.11 -29.93 32.95
CA THR D 201 54.02 -28.52 33.33
C THR D 201 53.40 -27.72 32.19
N TYR D 202 52.47 -26.84 32.53
CA TYR D 202 51.75 -26.04 31.56
C TYR D 202 52.04 -24.56 31.82
N ILE D 203 52.68 -23.91 30.85
CA ILE D 203 53.03 -22.50 30.94
C ILE D 203 52.45 -21.77 29.72
N CYS D 204 51.91 -20.59 29.95
CA CYS D 204 51.31 -19.77 28.90
C CYS D 204 52.20 -18.57 28.62
N ASN D 205 52.52 -18.36 27.34
CA ASN D 205 53.39 -17.27 26.91
C ASN D 205 52.52 -16.12 26.41
N VAL D 206 52.47 -15.04 27.17
CA VAL D 206 51.75 -13.83 26.79
C VAL D 206 52.74 -12.85 26.19
N ASN D 207 52.39 -12.29 25.04
CA ASN D 207 53.25 -11.34 24.33
C ASN D 207 52.42 -10.10 23.98
N HIS D 208 52.81 -8.95 24.53
CA HIS D 208 52.13 -7.69 24.32
C HIS D 208 53.16 -6.68 23.81
N LYS D 209 53.21 -6.50 22.50
CA LYS D 209 54.24 -5.70 21.82
C LYS D 209 54.19 -4.21 22.16
N PRO D 210 53.02 -3.56 22.22
CA PRO D 210 53.02 -2.11 22.51
C PRO D 210 53.71 -1.75 23.81
N SER D 211 53.59 -2.56 24.85
CA SER D 211 54.23 -2.29 26.13
C SER D 211 55.57 -3.02 26.29
N ASN D 212 56.02 -3.73 25.26
CA ASN D 212 57.26 -4.50 25.32
C ASN D 212 57.26 -5.48 26.48
N THR D 213 56.17 -6.26 26.57
CA THR D 213 55.95 -7.19 27.66
C THR D 213 55.77 -8.60 27.11
N LYS D 214 56.53 -9.55 27.65
CA LYS D 214 56.35 -10.97 27.38
C LYS D 214 56.40 -11.71 28.71
N VAL D 215 55.28 -12.31 29.10
CA VAL D 215 55.16 -12.97 30.39
C VAL D 215 54.89 -14.45 30.17
N ASP D 216 55.63 -15.30 30.88
CA ASP D 216 55.37 -16.73 30.95
C ASP D 216 54.89 -17.06 32.35
N LYS D 217 53.76 -17.77 32.45
CA LYS D 217 53.13 -18.04 33.73
C LYS D 217 52.84 -19.53 33.83
N LYS D 218 53.39 -20.18 34.86
CA LYS D 218 53.19 -21.61 35.06
C LYS D 218 51.86 -21.86 35.76
N VAL D 219 51.08 -22.78 35.21
CA VAL D 219 49.75 -23.11 35.74
C VAL D 219 49.83 -24.51 36.33
N GLU D 220 49.68 -24.61 37.64
CA GLU D 220 49.76 -25.85 38.38
C GLU D 220 48.42 -26.17 39.05
N PRO D 221 48.18 -27.42 39.40
CA PRO D 221 47.03 -27.73 40.26
C PRO D 221 47.23 -27.12 41.64
N LYS D 222 46.20 -26.39 42.10
CA LYS D 222 46.34 -25.62 43.33
C LYS D 222 46.55 -26.53 44.53
N SER D 223 47.47 -26.12 45.41
CA SER D 223 47.79 -26.88 46.61
C SER D 223 46.89 -26.39 47.75
N CYS D 224 46.04 -27.28 48.24
CA CYS D 224 45.12 -26.93 49.33
C CYS D 224 45.72 -27.35 50.68
N ASP E 1 9.62 4.64 12.97
CA ASP E 1 10.58 3.91 12.12
C ASP E 1 10.05 2.53 11.77
N ILE E 2 10.81 1.79 10.98
CA ILE E 2 10.41 0.50 10.47
C ILE E 2 11.37 -0.56 10.99
N GLN E 3 10.93 -1.33 11.96
CA GLN E 3 11.80 -2.33 12.59
C GLN E 3 11.98 -3.54 11.67
N MET E 4 13.23 -3.94 11.47
CA MET E 4 13.55 -5.13 10.69
C MET E 4 13.94 -6.26 11.64
N THR E 5 13.31 -7.41 11.48
CA THR E 5 13.60 -8.59 12.29
C THR E 5 13.85 -9.77 11.37
N GLN E 6 14.88 -10.56 11.69
CA GLN E 6 15.27 -11.71 10.89
C GLN E 6 15.05 -13.00 11.68
N SER E 7 15.18 -14.13 10.97
CA SER E 7 15.00 -15.43 11.57
C SER E 7 15.71 -16.45 10.71
N PRO E 8 16.42 -17.43 11.30
CA PRO E 8 16.56 -17.58 12.74
C PRO E 8 17.68 -16.72 13.31
N ALA E 9 18.08 -16.98 14.55
CA ALA E 9 19.26 -16.34 15.09
C ALA E 9 20.51 -16.85 14.39
N THR E 10 20.74 -18.16 14.45
CA THR E 10 21.84 -18.82 13.77
C THR E 10 21.31 -20.09 13.13
N LEU E 11 22.06 -20.63 12.16
CA LEU E 11 21.66 -21.86 11.50
C LEU E 11 22.88 -22.73 11.23
N SER E 12 22.63 -23.88 10.60
CA SER E 12 23.66 -24.87 10.31
C SER E 12 23.27 -25.58 9.02
N VAL E 13 24.15 -25.52 8.02
CA VAL E 13 23.88 -26.07 6.70
C VAL E 13 25.15 -26.68 6.15
N SER E 14 25.06 -27.90 5.64
CA SER E 14 26.19 -28.57 5.02
C SER E 14 26.43 -28.04 3.60
N PRO E 15 27.65 -28.15 3.09
CA PRO E 15 27.92 -27.70 1.73
C PRO E 15 27.08 -28.45 0.71
N GLY E 16 26.40 -27.70 -0.15
CA GLY E 16 25.50 -28.24 -1.14
C GLY E 16 24.04 -28.09 -0.79
N GLU E 17 23.71 -27.98 0.50
CA GLU E 17 22.32 -27.79 0.91
C GLU E 17 21.88 -26.37 0.59
N ARG E 18 20.60 -26.09 0.85
CA ARG E 18 19.98 -24.82 0.53
C ARG E 18 19.70 -24.05 1.82
N ALA E 19 20.37 -22.93 1.99
CA ALA E 19 20.11 -22.05 3.12
C ALA E 19 18.92 -21.16 2.81
N THR E 20 18.06 -20.98 3.82
CA THR E 20 16.86 -20.16 3.67
C THR E 20 16.85 -19.14 4.79
N LEU E 21 16.86 -17.86 4.43
CA LEU E 21 16.90 -16.77 5.40
C LEU E 21 15.72 -15.83 5.16
N SER E 22 15.00 -15.50 6.22
CA SER E 22 13.84 -14.63 6.15
C SER E 22 14.16 -13.25 6.73
N CYS E 23 13.29 -12.29 6.41
CA CYS E 23 13.42 -10.93 6.87
C CYS E 23 12.03 -10.32 6.94
N ARG E 24 11.69 -9.74 8.07
CA ARG E 24 10.37 -9.16 8.30
C ARG E 24 10.50 -7.67 8.58
N ALA E 25 9.57 -6.89 8.04
CA ALA E 25 9.52 -5.45 8.27
C ALA E 25 8.29 -5.09 9.09
N SER E 26 8.43 -4.10 9.96
CA SER E 26 7.33 -3.72 10.83
C SER E 26 6.16 -3.14 10.05
N GLN E 27 6.44 -2.39 8.99
CA GLN E 27 5.41 -1.95 8.06
C GLN E 27 5.92 -2.17 6.64
N SER E 28 5.06 -1.95 5.66
CA SER E 28 5.41 -2.22 4.27
C SER E 28 6.62 -1.38 3.84
N VAL E 29 7.42 -1.94 2.95
CA VAL E 29 8.59 -1.26 2.40
C VAL E 29 8.60 -1.44 0.90
N SER E 30 7.43 -1.71 0.32
CA SER E 30 7.31 -1.92 -1.12
C SER E 30 8.25 -3.02 -1.60
N SER E 31 9.44 -2.63 -2.05
CA SER E 31 10.42 -3.59 -2.54
C SER E 31 11.83 -3.02 -2.53
N THR E 32 12.10 -2.08 -1.64
CA THR E 32 13.39 -1.39 -1.58
C THR E 32 14.32 -2.02 -0.54
N LEU E 33 14.40 -3.35 -0.53
CA LEU E 33 15.20 -4.08 0.45
C LEU E 33 16.53 -4.52 -0.16
N ALA E 34 17.52 -4.74 0.71
CA ALA E 34 18.85 -5.17 0.29
C ALA E 34 19.42 -6.16 1.30
N TRP E 35 19.98 -7.26 0.80
CA TRP E 35 20.68 -8.24 1.63
C TRP E 35 22.19 -8.02 1.53
N TYR E 36 22.89 -8.25 2.63
CA TYR E 36 24.33 -8.05 2.70
C TYR E 36 25.02 -9.29 3.25
N GLN E 37 26.34 -9.37 3.05
CA GLN E 37 27.17 -10.43 3.62
C GLN E 37 28.38 -9.81 4.27
N GLN E 38 28.63 -10.14 5.53
CA GLN E 38 29.79 -9.64 6.26
C GLN E 38 30.57 -10.84 6.79
N LYS E 39 31.61 -11.23 6.06
CA LYS E 39 32.51 -12.25 6.56
C LYS E 39 33.33 -11.69 7.72
N PRO E 40 33.77 -12.54 8.64
CA PRO E 40 34.50 -12.05 9.82
C PRO E 40 35.70 -11.19 9.43
N GLY E 41 35.75 -9.99 10.00
CA GLY E 41 36.85 -9.07 9.76
C GLY E 41 36.78 -8.30 8.46
N GLN E 42 35.78 -8.55 7.62
CA GLN E 42 35.66 -7.88 6.34
C GLN E 42 34.48 -6.91 6.37
N ALA E 43 34.55 -5.91 5.49
CA ALA E 43 33.43 -5.00 5.32
C ALA E 43 32.25 -5.74 4.71
N PRO E 44 31.03 -5.28 4.98
CA PRO E 44 29.86 -5.92 4.37
C PRO E 44 29.92 -5.85 2.85
N ARG E 45 29.26 -6.80 2.20
CA ARG E 45 29.19 -6.88 0.75
C ARG E 45 27.75 -7.09 0.33
N LEU E 46 27.31 -6.33 -0.67
CA LEU E 46 25.93 -6.41 -1.14
C LEU E 46 25.72 -7.67 -1.98
N LEU E 47 24.59 -8.35 -1.75
CA LEU E 47 24.22 -9.53 -2.50
C LEU E 47 22.97 -9.30 -3.35
N ILE E 48 21.88 -8.89 -2.72
CA ILE E 48 20.61 -8.62 -3.40
C ILE E 48 20.20 -7.20 -3.08
N TYR E 49 19.67 -6.49 -4.07
CA TYR E 49 19.00 -5.22 -3.86
C TYR E 49 17.69 -5.23 -4.62
N GLY E 50 16.77 -4.36 -4.20
CA GLY E 50 15.43 -4.40 -4.77
C GLY E 50 14.72 -5.71 -4.53
N ALA E 51 14.92 -6.30 -3.35
CA ALA E 51 14.26 -7.52 -2.91
C ALA E 51 14.67 -8.76 -3.69
N SER E 52 14.96 -8.62 -4.98
CA SER E 52 15.17 -9.79 -5.82
C SER E 52 16.31 -9.69 -6.82
N THR E 53 16.86 -8.50 -7.10
CA THR E 53 17.88 -8.36 -8.13
C THR E 53 19.25 -8.71 -7.59
N ARG E 54 19.98 -9.54 -8.33
CA ARG E 54 21.31 -9.98 -7.91
C ARG E 54 22.35 -8.94 -8.29
N ALA E 55 23.23 -8.62 -7.33
CA ALA E 55 24.30 -7.67 -7.58
C ALA E 55 25.28 -8.26 -8.60
N THR E 56 25.75 -7.40 -9.51
CA THR E 56 26.70 -7.84 -10.52
C THR E 56 28.01 -8.25 -9.87
N GLY E 57 28.53 -9.42 -10.25
CA GLY E 57 29.73 -9.96 -9.66
C GLY E 57 29.51 -10.93 -8.53
N ILE E 58 28.26 -11.32 -8.28
CA ILE E 58 27.92 -12.21 -7.17
C ILE E 58 27.49 -13.56 -7.76
N PRO E 59 27.90 -14.68 -7.18
CA PRO E 59 27.49 -15.98 -7.72
C PRO E 59 25.98 -16.11 -7.81
N ALA E 60 25.52 -16.80 -8.86
CA ALA E 60 24.11 -16.95 -9.14
C ALA E 60 23.40 -17.93 -8.22
N ARG E 61 24.11 -18.52 -7.25
CA ARG E 61 23.47 -19.39 -6.27
C ARG E 61 22.67 -18.60 -5.24
N PHE E 62 22.98 -17.34 -5.04
CA PHE E 62 22.20 -16.49 -4.14
C PHE E 62 20.98 -15.93 -4.86
N SER E 63 19.89 -15.77 -4.12
CA SER E 63 18.66 -15.25 -4.69
C SER E 63 17.80 -14.65 -3.59
N GLY E 64 17.14 -13.54 -3.90
CA GLY E 64 16.24 -12.89 -2.95
C GLY E 64 14.82 -12.81 -3.47
N SER E 65 13.86 -12.68 -2.57
CA SER E 65 12.45 -12.63 -2.96
C SER E 65 11.65 -11.95 -1.85
N GLY E 66 10.38 -11.71 -2.13
CA GLY E 66 9.47 -11.10 -1.18
C GLY E 66 9.02 -9.72 -1.63
N SER E 67 7.98 -9.24 -0.94
CA SER E 67 7.42 -7.94 -1.21
C SER E 67 6.62 -7.49 0.01
N GLY E 68 6.57 -6.18 0.22
CA GLY E 68 5.85 -5.63 1.35
C GLY E 68 6.58 -5.76 2.67
N THR E 69 6.22 -6.76 3.47
CA THR E 69 6.74 -6.91 4.82
C THR E 69 7.62 -8.13 5.03
N GLU E 70 7.44 -9.19 4.24
CA GLU E 70 8.21 -10.42 4.42
C GLU E 70 9.07 -10.66 3.18
N PHE E 71 10.32 -11.04 3.43
CA PHE E 71 11.29 -11.28 2.37
C PHE E 71 12.11 -12.51 2.71
N THR E 72 12.83 -13.02 1.71
CA THR E 72 13.58 -14.26 1.86
C THR E 72 14.84 -14.23 1.02
N LEU E 73 15.95 -14.66 1.60
CA LEU E 73 17.21 -14.86 0.89
C LEU E 73 17.53 -16.35 0.88
N THR E 74 17.77 -16.89 -0.31
CA THR E 74 18.02 -18.31 -0.49
C THR E 74 19.43 -18.50 -1.05
N ILE E 75 20.21 -19.35 -0.39
CA ILE E 75 21.54 -19.72 -0.87
C ILE E 75 21.50 -21.16 -1.35
N SER E 76 21.24 -21.35 -2.64
CA SER E 76 21.25 -22.69 -3.21
C SER E 76 22.68 -23.20 -3.32
N SER E 77 22.88 -24.47 -2.94
CA SER E 77 24.19 -25.11 -2.97
C SER E 77 25.20 -24.30 -2.15
N LEU E 78 25.12 -24.41 -0.83
CA LEU E 78 25.99 -23.62 0.03
C LEU E 78 27.45 -24.02 -0.16
N GLN E 79 28.33 -23.02 -0.16
CA GLN E 79 29.76 -23.21 -0.35
C GLN E 79 30.49 -22.97 0.97
N SER E 80 31.80 -23.22 0.96
CA SER E 80 32.63 -23.08 2.14
C SER E 80 33.09 -21.64 2.40
N GLU E 81 32.98 -20.75 1.41
CA GLU E 81 33.26 -19.34 1.62
C GLU E 81 31.99 -18.53 1.88
N ASP E 82 30.87 -19.20 2.12
CA ASP E 82 29.59 -18.53 2.36
C ASP E 82 29.29 -18.37 3.85
N PHE E 83 30.26 -18.60 4.71
CA PHE E 83 30.04 -18.54 6.15
C PHE E 83 30.28 -17.12 6.64
N ALA E 84 29.21 -16.46 7.08
CA ALA E 84 29.25 -15.08 7.53
C ALA E 84 27.98 -14.75 8.30
N VAL E 85 27.63 -13.47 8.34
CA VAL E 85 26.38 -13.01 8.93
C VAL E 85 25.66 -12.16 7.89
N TYR E 86 24.37 -12.43 7.70
CA TYR E 86 23.58 -11.80 6.64
C TYR E 86 22.51 -10.90 7.24
N TYR E 87 22.48 -9.65 6.80
CA TYR E 87 21.53 -8.66 7.25
C TYR E 87 20.59 -8.25 6.11
N CYS E 88 19.53 -7.54 6.45
CA CYS E 88 18.63 -6.96 5.45
C CYS E 88 18.38 -5.51 5.80
N GLN E 89 18.74 -4.60 4.88
CA GLN E 89 18.58 -3.17 5.07
C GLN E 89 17.59 -2.62 4.06
N GLN E 90 16.67 -1.78 4.54
CA GLN E 90 15.70 -1.10 3.69
C GLN E 90 16.11 0.35 3.48
N TYR E 91 15.78 0.90 2.31
CA TYR E 91 16.24 2.25 1.95
C TYR E 91 15.16 3.06 1.24
N ASN E 92 13.94 3.05 1.79
CA ASN E 92 12.89 3.95 1.30
C ASN E 92 13.37 5.38 1.43
N ASN E 93 13.02 6.18 0.42
CA ASN E 93 13.90 7.30 0.05
C ASN E 93 13.78 8.47 1.00
N TRP E 94 12.59 8.76 1.49
CA TRP E 94 12.45 9.83 2.48
C TRP E 94 12.15 9.25 3.85
N SER E 95 13.00 8.34 4.31
CA SER E 95 12.76 7.62 5.55
C SER E 95 14.08 7.23 6.20
N THR E 96 14.05 7.06 7.51
CA THR E 96 15.19 6.54 8.23
C THR E 96 15.51 5.13 7.74
N TRP E 97 16.74 4.92 7.28
CA TRP E 97 17.16 3.62 6.80
C TRP E 97 17.39 2.70 8.00
N THR E 98 16.66 1.59 8.06
CA THR E 98 16.73 0.70 9.21
C THR E 98 17.44 -0.59 8.84
N PHE E 99 17.86 -1.32 9.88
CA PHE E 99 18.71 -2.49 9.74
C PHE E 99 18.17 -3.64 10.57
N GLY E 100 18.39 -4.86 10.07
CA GLY E 100 18.09 -6.04 10.85
C GLY E 100 19.22 -6.40 11.79
N GLN E 101 18.97 -7.43 12.62
CA GLN E 101 19.99 -7.84 13.57
C GLN E 101 20.98 -8.83 12.97
N GLY E 102 20.55 -9.60 11.98
CA GLY E 102 21.42 -10.50 11.26
C GLY E 102 21.17 -11.96 11.60
N THR E 103 21.74 -12.82 10.76
CA THR E 103 21.66 -14.26 10.93
C THR E 103 23.01 -14.87 10.55
N LYS E 104 23.49 -15.80 11.38
CA LYS E 104 24.79 -16.42 11.20
C LYS E 104 24.63 -17.78 10.53
N VAL E 105 25.42 -18.01 9.48
CA VAL E 105 25.36 -19.24 8.70
C VAL E 105 26.63 -20.04 8.99
N ASP E 106 26.45 -21.31 9.36
CA ASP E 106 27.54 -22.15 9.85
C ASP E 106 27.54 -23.49 9.14
N ILE E 107 28.46 -24.35 9.57
CA ILE E 107 28.53 -25.74 9.14
C ILE E 107 27.52 -26.55 9.94
N LYS E 108 26.78 -27.41 9.25
CA LYS E 108 25.88 -28.31 9.95
C LYS E 108 26.66 -29.38 10.69
N ARG E 109 26.22 -29.68 11.91
CA ARG E 109 26.84 -30.75 12.69
C ARG E 109 25.87 -31.16 13.79
N THR E 110 26.19 -32.30 14.42
CA THR E 110 25.32 -32.86 15.45
C THR E 110 25.37 -32.01 16.71
N VAL E 111 24.28 -32.07 17.49
CA VAL E 111 24.19 -31.30 18.72
C VAL E 111 25.13 -31.89 19.76
N ALA E 112 25.92 -31.04 20.41
CA ALA E 112 26.87 -31.45 21.43
C ALA E 112 26.70 -30.59 22.67
N ALA E 113 26.71 -31.23 23.83
CA ALA E 113 26.55 -30.55 25.10
C ALA E 113 27.87 -29.92 25.55
N PRO E 114 27.81 -28.77 26.22
CA PRO E 114 29.05 -28.09 26.62
C PRO E 114 29.67 -28.69 27.87
N SER E 115 30.99 -28.58 27.94
CA SER E 115 31.74 -28.97 29.12
C SER E 115 31.87 -27.75 30.03
N VAL E 116 31.38 -27.86 31.26
CA VAL E 116 31.30 -26.74 32.18
C VAL E 116 32.37 -26.91 33.25
N PHE E 117 33.23 -25.91 33.38
CA PHE E 117 34.21 -25.82 34.45
C PHE E 117 34.13 -24.44 35.06
N ILE E 118 34.33 -24.35 36.38
CA ILE E 118 34.30 -23.08 37.10
C ILE E 118 35.67 -22.87 37.72
N PHE E 119 36.25 -21.68 37.51
CA PHE E 119 37.57 -21.34 38.00
C PHE E 119 37.47 -20.32 39.12
N PRO E 120 37.96 -20.63 40.33
CA PRO E 120 37.98 -19.61 41.38
C PRO E 120 39.05 -18.58 41.09
N PRO E 121 38.89 -17.36 41.59
CA PRO E 121 39.95 -16.35 41.40
C PRO E 121 41.21 -16.74 42.15
N SER E 122 42.35 -16.60 41.48
CA SER E 122 43.62 -16.99 42.07
C SER E 122 43.95 -16.13 43.28
N ASP E 123 44.80 -16.67 44.16
CA ASP E 123 45.22 -15.93 45.35
C ASP E 123 46.12 -14.76 44.99
N GLU E 124 46.69 -14.74 43.79
CA GLU E 124 47.51 -13.61 43.37
C GLU E 124 46.65 -12.43 42.92
N GLN E 125 45.43 -12.70 42.44
CA GLN E 125 44.53 -11.62 42.06
C GLN E 125 43.77 -11.06 43.25
N LEU E 126 43.46 -11.90 44.25
CA LEU E 126 42.79 -11.41 45.45
C LEU E 126 43.67 -10.44 46.23
N LYS E 127 44.99 -10.62 46.16
CA LYS E 127 45.91 -9.67 46.78
C LYS E 127 45.86 -8.29 46.12
N SER E 128 45.30 -8.18 44.91
CA SER E 128 45.20 -6.91 44.22
C SER E 128 43.92 -6.15 44.56
N GLY E 129 42.87 -6.85 44.98
CA GLY E 129 41.61 -6.21 45.32
C GLY E 129 40.45 -6.50 44.40
N THR E 130 40.62 -7.37 43.40
CA THR E 130 39.58 -7.72 42.47
C THR E 130 39.52 -9.24 42.31
N ALA E 131 38.31 -9.78 42.20
CA ALA E 131 38.11 -11.21 42.01
C ALA E 131 37.37 -11.43 40.70
N SER E 132 37.96 -12.22 39.80
CA SER E 132 37.38 -12.54 38.51
C SER E 132 37.04 -14.02 38.49
N VAL E 133 35.75 -14.33 38.44
CA VAL E 133 35.26 -15.71 38.42
C VAL E 133 34.92 -16.07 36.99
N VAL E 134 35.61 -17.06 36.44
CA VAL E 134 35.48 -17.44 35.03
C VAL E 134 34.73 -18.76 34.95
N CYS E 135 33.75 -18.83 34.06
CA CYS E 135 32.98 -20.05 33.79
C CYS E 135 33.18 -20.43 32.34
N LEU E 136 33.52 -21.70 32.11
CA LEU E 136 33.92 -22.18 30.79
C LEU E 136 32.86 -23.13 30.21
N LEU E 137 32.56 -22.94 28.93
CA LEU E 137 31.70 -23.84 28.16
C LEU E 137 32.50 -24.26 26.93
N ASN E 138 33.02 -25.48 26.94
CA ASN E 138 34.02 -25.92 25.97
C ASN E 138 33.37 -26.76 24.88
N ASN E 139 33.54 -26.33 23.63
CA ASN E 139 33.17 -27.09 22.44
C ASN E 139 31.73 -27.58 22.49
N PHE E 140 30.77 -26.72 22.15
CA PHE E 140 29.37 -27.08 22.17
C PHE E 140 28.72 -26.69 20.85
N TYR E 141 27.53 -27.24 20.61
CA TYR E 141 26.72 -26.92 19.45
C TYR E 141 25.26 -27.18 19.76
N PRO E 142 24.35 -26.27 19.40
CA PRO E 142 24.58 -25.06 18.61
C PRO E 142 25.17 -23.88 19.39
N ARG E 143 25.26 -22.74 18.73
CA ARG E 143 25.84 -21.55 19.36
C ARG E 143 25.02 -21.10 20.56
N GLU E 144 23.69 -21.19 20.47
CA GLU E 144 22.83 -20.67 21.52
C GLU E 144 23.11 -21.37 22.86
N ALA E 145 23.28 -20.55 23.91
CA ALA E 145 23.54 -21.05 25.25
C ALA E 145 23.23 -19.95 26.24
N LYS E 146 22.84 -20.36 27.46
CA LYS E 146 22.47 -19.42 28.51
C LYS E 146 23.25 -19.75 29.77
N VAL E 147 23.99 -18.77 30.27
CA VAL E 147 24.77 -18.89 31.49
C VAL E 147 24.17 -17.98 32.55
N GLN E 148 23.99 -18.50 33.75
CA GLN E 148 23.39 -17.75 34.85
C GLN E 148 24.29 -17.89 36.08
N TRP E 149 24.92 -16.77 36.47
CA TRP E 149 25.76 -16.75 37.66
C TRP E 149 24.90 -16.77 38.92
N LYS E 150 25.32 -17.57 39.90
CA LYS E 150 24.63 -17.67 41.18
C LYS E 150 25.65 -17.55 42.30
N VAL E 151 25.50 -16.52 43.13
CA VAL E 151 26.36 -16.27 44.28
C VAL E 151 25.49 -16.36 45.52
N ASP E 152 25.62 -17.47 46.26
CA ASP E 152 24.76 -17.77 47.41
C ASP E 152 23.29 -17.81 46.98
N ASN E 153 23.03 -18.50 45.86
CA ASN E 153 21.69 -18.64 45.30
C ASN E 153 21.03 -17.30 45.01
N ALA E 154 21.84 -16.28 44.71
CA ALA E 154 21.36 -14.98 44.27
C ALA E 154 21.79 -14.80 42.82
N LEU E 155 20.81 -14.86 41.90
CA LEU E 155 21.11 -14.75 40.48
C LEU E 155 21.76 -13.41 40.17
N GLN E 156 22.99 -13.46 39.66
CA GLN E 156 23.79 -12.27 39.43
C GLN E 156 23.63 -11.80 37.99
N SER E 157 23.51 -10.49 37.82
CA SER E 157 23.38 -9.89 36.49
C SER E 157 23.97 -8.49 36.52
N GLY E 158 24.66 -8.12 35.45
CA GLY E 158 25.30 -6.83 35.33
C GLY E 158 26.76 -6.81 35.69
N ASN E 159 27.28 -7.85 36.31
CA ASN E 159 28.67 -7.95 36.72
C ASN E 159 29.37 -9.11 36.03
N SER E 160 29.06 -9.33 34.75
CA SER E 160 29.63 -10.43 34.01
C SER E 160 29.69 -10.09 32.53
N GLN E 161 30.76 -10.53 31.87
CA GLN E 161 30.95 -10.35 30.44
C GLN E 161 31.31 -11.68 29.81
N GLU E 162 30.90 -11.85 28.55
CA GLU E 162 31.07 -13.12 27.86
C GLU E 162 31.85 -12.92 26.56
N SER E 163 32.54 -13.98 26.14
CA SER E 163 33.35 -13.97 24.92
C SER E 163 33.26 -15.34 24.27
N VAL E 164 33.05 -15.36 22.96
CA VAL E 164 32.84 -16.60 22.20
CA VAL E 164 32.84 -16.60 22.20
C VAL E 164 33.87 -16.68 21.09
N THR E 165 34.43 -17.87 20.90
CA THR E 165 35.33 -18.10 19.78
C THR E 165 34.52 -18.41 18.52
N GLU E 166 35.18 -18.30 17.37
CA GLU E 166 34.54 -18.65 16.12
C GLU E 166 34.37 -20.16 16.02
N GLN E 167 33.50 -20.58 15.10
CA GLN E 167 33.25 -22.00 14.89
C GLN E 167 34.55 -22.70 14.52
N ASP E 168 34.92 -23.69 15.33
CA ASP E 168 36.21 -24.36 15.17
C ASP E 168 36.32 -25.03 13.81
N SER E 169 37.45 -24.79 13.14
CA SER E 169 37.69 -25.24 11.77
C SER E 169 37.86 -26.75 11.64
N LYS E 170 37.56 -27.57 12.65
CA LYS E 170 37.71 -29.01 12.54
C LYS E 170 36.54 -29.82 13.09
N ASP E 171 35.83 -29.33 14.11
CA ASP E 171 34.65 -30.01 14.62
C ASP E 171 33.40 -29.12 14.62
N SER E 172 33.51 -27.86 14.20
CA SER E 172 32.39 -26.95 14.08
C SER E 172 31.71 -26.70 15.43
N THR E 173 32.52 -26.47 16.47
CA THR E 173 32.01 -26.23 17.81
C THR E 173 32.41 -24.85 18.30
N TYR E 174 31.70 -24.38 19.32
CA TYR E 174 31.91 -23.06 19.90
C TYR E 174 32.43 -23.19 21.33
N SER E 175 33.16 -22.18 21.76
CA SER E 175 33.69 -22.12 23.13
C SER E 175 33.35 -20.75 23.71
N LEU E 176 32.73 -20.77 24.89
CA LEU E 176 32.22 -19.55 25.52
C LEU E 176 32.77 -19.42 26.92
N SER E 177 33.09 -18.18 27.30
CA SER E 177 33.62 -17.88 28.62
C SER E 177 32.82 -16.73 29.24
N SER E 178 32.60 -16.81 30.54
CA SER E 178 31.86 -15.79 31.28
C SER E 178 32.65 -15.42 32.53
N THR E 179 33.03 -14.15 32.64
CA THR E 179 33.88 -13.67 33.72
C THR E 179 33.05 -12.85 34.69
N LEU E 180 32.83 -13.41 35.88
CA LEU E 180 32.14 -12.70 36.96
C LEU E 180 33.17 -11.86 37.71
N THR E 181 33.05 -10.54 37.62
CA THR E 181 33.99 -9.62 38.24
C THR E 181 33.38 -9.02 39.49
N LEU E 182 34.08 -9.16 40.62
CA LEU E 182 33.65 -8.62 41.89
C LEU E 182 34.85 -8.03 42.62
N SER E 183 34.58 -7.19 43.61
CA SER E 183 35.65 -6.68 44.45
C SER E 183 36.02 -7.71 45.51
N LYS E 184 37.25 -7.60 46.02
CA LYS E 184 37.70 -8.53 47.05
C LYS E 184 36.84 -8.44 48.30
N ALA E 185 36.35 -7.25 48.63
CA ALA E 185 35.45 -7.12 49.77
C ALA E 185 34.10 -7.78 49.50
N ASP E 186 33.57 -7.61 48.28
CA ASP E 186 32.32 -8.28 47.92
C ASP E 186 32.51 -9.78 47.74
N TYR E 187 33.72 -10.21 47.35
CA TYR E 187 33.96 -11.63 47.12
C TYR E 187 34.01 -12.41 48.43
N GLU E 188 34.56 -11.81 49.48
CA GLU E 188 34.71 -12.50 50.75
C GLU E 188 33.46 -12.47 51.62
N LYS E 189 32.37 -11.88 51.13
CA LYS E 189 31.11 -11.86 51.87
C LYS E 189 30.27 -13.10 51.64
N HIS E 190 30.51 -13.84 50.55
CA HIS E 190 29.70 -15.00 50.20
C HIS E 190 30.57 -16.25 50.22
N LYS E 191 29.90 -17.39 50.06
CA LYS E 191 30.57 -18.69 50.12
C LYS E 191 30.42 -19.50 48.84
N VAL E 192 29.20 -19.65 48.33
CA VAL E 192 28.94 -20.51 47.18
C VAL E 192 28.97 -19.68 45.91
N TYR E 193 29.78 -20.10 44.94
CA TYR E 193 29.85 -19.47 43.64
C TYR E 193 29.61 -20.52 42.56
N ALA E 194 28.64 -20.26 41.69
CA ALA E 194 28.24 -21.25 40.70
C ALA E 194 27.80 -20.54 39.42
N CYS E 195 27.85 -21.28 38.31
CA CYS E 195 27.31 -20.84 37.04
C CYS E 195 26.45 -21.95 36.46
N GLU E 196 25.22 -21.60 36.08
CA GLU E 196 24.24 -22.56 35.59
C GLU E 196 24.21 -22.51 34.06
N VAL E 197 24.45 -23.65 33.43
CA VAL E 197 24.52 -23.73 31.97
C VAL E 197 23.32 -24.51 31.46
N THR E 198 22.56 -23.89 30.58
CA THR E 198 21.46 -24.55 29.88
C THR E 198 21.79 -24.62 28.39
N HIS E 199 21.51 -25.77 27.78
CA HIS E 199 21.90 -25.99 26.39
C HIS E 199 21.01 -27.06 25.78
N GLN E 200 20.97 -27.08 24.44
CA GLN E 200 20.16 -28.08 23.75
C GLN E 200 20.70 -29.49 23.97
N GLY E 201 22.03 -29.64 24.05
CA GLY E 201 22.62 -30.92 24.36
C GLY E 201 22.53 -31.34 25.80
N LEU E 202 22.03 -30.46 26.66
CA LEU E 202 21.87 -30.74 28.08
C LEU E 202 20.39 -30.97 28.39
N SER E 203 20.09 -32.12 29.02
CA SER E 203 18.70 -32.42 29.36
C SER E 203 18.16 -31.51 30.45
N SER E 204 19.01 -31.11 31.40
CA SER E 204 18.66 -30.21 32.48
C SER E 204 19.82 -29.25 32.70
N PRO E 205 19.56 -28.08 33.28
CA PRO E 205 20.65 -27.12 33.51
C PRO E 205 21.77 -27.72 34.35
N VAL E 206 22.99 -27.62 33.83
CA VAL E 206 24.18 -28.14 34.49
C VAL E 206 24.86 -27.01 35.25
N THR E 207 25.24 -27.27 36.50
CA THR E 207 25.82 -26.26 37.37
C THR E 207 27.11 -26.80 37.97
N LYS E 208 28.21 -26.06 37.76
CA LYS E 208 29.48 -26.32 38.41
C LYS E 208 29.72 -25.24 39.46
N SER E 209 30.13 -25.65 40.65
CA SER E 209 30.22 -24.72 41.78
C SER E 209 31.47 -24.99 42.60
N PHE E 210 31.97 -23.93 43.23
CA PHE E 210 33.04 -24.03 44.22
C PHE E 210 32.64 -23.17 45.42
N ASN E 211 33.22 -23.51 46.57
CA ASN E 211 33.01 -22.76 47.80
C ASN E 211 34.27 -21.98 48.14
N ARG E 212 34.10 -20.71 48.51
CA ARG E 212 35.24 -19.82 48.75
C ARG E 212 36.10 -20.36 49.89
N GLY E 213 37.38 -20.55 49.60
CA GLY E 213 38.32 -21.07 50.57
C GLY E 213 38.39 -22.58 50.67
N GLU E 214 37.85 -23.30 49.69
CA GLU E 214 37.88 -24.76 49.71
C GLU E 214 38.57 -25.31 48.46
#